data_6NEX
#
_entry.id   6NEX
#
_cell.length_a   110.787
_cell.length_b   128.435
_cell.length_c   91.196
_cell.angle_alpha   90.000
_cell.angle_beta   125.258
_cell.angle_gamma   90.000
#
_symmetry.space_group_name_H-M   'C 1 2 1'
#
loop_
_entity.id
_entity.type
_entity.pdbx_description
1 polymer 'Anitgen binding fragment light chain'
2 polymer 'Antigen binding fragment heavy chain'
3 polymer 'Anitgen binding fragment light chain'
4 polymer 'Ighg protein'
5 non-polymer 'CHLORIDE ION'
6 non-polymer 'FORMIC ACID'
7 non-polymer 'ACETATE ION'
8 water water
#
loop_
_entity_poly.entity_id
_entity_poly.type
_entity_poly.pdbx_seq_one_letter_code
_entity_poly.pdbx_strand_id
1 'polypeptide(L)'
;(PCA)AVVIQESALTTSPGGTVILTCRSSTGTITTSNYANWVQ(MLY)(MLY)PNHVFTGLIGATSIRAPGVPVRFSGFL
IGGKAALTITGAQTEDDAMYFCALWYNTHYVFGGGT(MLY)VTVLGQPKAAPSVTLFPPSSEELQANKATLVCLISDFYP
GAVTVAWKADSSPVKAGVETTTPS(MLY)QSNN(MLY)YAASSYLSLTPEQWKSHRSYSCQVTHEGSTVE(MLY)TVAPT
ECS
;
L
2 'polypeptide(L)'
;EVQLVESGGGLVQPGGSLRLSCAASGFIFSSDWMNWVRQAPGKGLEWVANINQDGSE(MLY)YYVDSVKGRFTISRDNAQ
NSLYLQMNSLRAEDTAVYYCA(MLY)ELGPWGQGTLVTVSSASTKGPSVFPLAPSSKSTSGGTAALGCLVKDYFPEPVTV
SWNSGALTSGVHTFPAVLQSSGLYSLSSVVTVPSSSLGTQTYICNVNH(MLY)PSNTKVD(MLY)RVEPKSCDK
;
H
3 'polypeptide(L)'
;(PCA)AVVIQESALTTSPGGTVILTCRSSTGTITTSNYANWVQ(MLY)(MLY)PNHVFTGLIGATSIRAPGVPVRFSGFL
IGG(MLY)AALTITGAQTEDDAMYFCALWYNTHYVFGGGTKVTVLGQPKAAPSVTLFPPSSEELQANKATLVCLISDFYP
GAVTVAWKADSSPVKAGVETTTPSKQSNN(MLY)YAASSYLSLTPEQWKSHRSYSCQVTHEGSTVE(MLY)TVAPTECS
;
A
4 'polypeptide(L)'
;EVQLVESGGGLVQPGGSLRLSCAASGFIFSSDWMNWVRQAPGKGLEWVANINQDGSE(MLY)YYVDSVKGRFTISRDNAQ
NSLYLQMNSLRAEDTAVYYCA(MLY)ELGPWGQGTLVTVSSASTKGPSVFPLAPSSKSTSGGTAALGCLVKDYFPEPVTV
SWNSGALTSGVHTFPAVLQSSGLYSLSSVVTVPSSSLGTQTYICNVNHKPSNTKVDKRVEPKSCDK
;
B
#
loop_
_chem_comp.id
_chem_comp.type
_chem_comp.name
_chem_comp.formula
ACT non-polymer 'ACETATE ION' 'C2 H3 O2 -1'
CL non-polymer 'CHLORIDE ION' 'Cl -1'
FMT non-polymer 'FORMIC ACID' 'C H2 O2'
#
# COMPACT_ATOMS: atom_id res chain seq x y z
N PCA A 1 -37.24 5.13 -1.30
CA PCA A 1 -36.84 4.66 -2.61
CB PCA A 1 -35.31 4.62 -2.73
CG PCA A 1 -34.76 4.78 -1.32
CD PCA A 1 -35.98 5.17 -0.54
OE PCA A 1 -35.91 5.50 0.64
C PCA A 1 -37.40 3.27 -2.89
O PCA A 1 -37.36 2.39 -2.03
N ALA A 2 -37.92 3.09 -4.09
CA ALA A 2 -38.49 1.80 -4.50
C ALA A 2 -37.43 0.71 -4.54
N VAL A 3 -37.83 -0.51 -4.18
CA VAL A 3 -36.95 -1.67 -4.26
C VAL A 3 -37.64 -2.74 -5.10
N VAL A 4 -36.83 -3.62 -5.67
CA VAL A 4 -37.28 -4.67 -6.57
C VAL A 4 -37.14 -5.99 -5.84
N ILE A 5 -38.24 -6.74 -5.74
CA ILE A 5 -38.33 -7.92 -4.89
C ILE A 5 -38.38 -9.16 -5.78
N GLN A 6 -37.44 -10.08 -5.56
CA GLN A 6 -37.40 -11.35 -6.27
C GLN A 6 -37.38 -12.49 -5.26
N GLU A 7 -37.77 -13.67 -5.74
CA GLU A 7 -37.56 -14.88 -4.95
C GLU A 7 -36.07 -15.12 -4.77
N SER A 8 -35.68 -15.56 -3.57
CA SER A 8 -34.26 -15.84 -3.34
C SER A 8 -33.79 -17.03 -4.16
N ALA A 9 -34.57 -18.11 -4.21
CA ALA A 9 -34.10 -19.36 -4.80
C ALA A 9 -35.28 -20.21 -5.25
N LEU A 10 -35.09 -20.90 -6.38
CA LEU A 10 -36.06 -21.86 -6.90
C LEU A 10 -35.35 -23.11 -7.37
N THR A 11 -36.01 -24.25 -7.27
CA THR A 11 -35.46 -25.52 -7.72
C THR A 11 -36.42 -26.19 -8.69
N THR A 12 -35.87 -26.80 -9.73
CA THR A 12 -36.68 -27.49 -10.71
C THR A 12 -35.92 -28.74 -11.17
N SER A 13 -36.63 -29.61 -11.86
CA SER A 13 -36.06 -30.77 -12.54
C SER A 13 -35.86 -30.47 -14.01
N PRO A 14 -34.97 -31.18 -14.68
CA PRO A 14 -34.86 -31.03 -16.14
C PRO A 14 -36.20 -31.31 -16.80
N GLY A 15 -36.59 -30.44 -17.72
CA GLY A 15 -37.88 -30.53 -18.35
C GLY A 15 -39.03 -29.93 -17.57
N GLY A 16 -38.76 -29.37 -16.39
CA GLY A 16 -39.79 -28.72 -15.62
C GLY A 16 -40.02 -27.29 -16.05
N THR A 17 -41.14 -26.73 -15.60
CA THR A 17 -41.52 -25.36 -15.93
C THR A 17 -41.31 -24.48 -14.70
N VAL A 18 -40.45 -23.48 -14.85
CA VAL A 18 -40.18 -22.53 -13.78
C VAL A 18 -40.90 -21.23 -14.10
N ILE A 19 -41.36 -20.55 -13.06
CA ILE A 19 -41.89 -19.21 -13.21
C ILE A 19 -41.26 -18.33 -12.13
N LEU A 20 -40.49 -17.34 -12.55
CA LEU A 20 -39.89 -16.36 -11.66
C LEU A 20 -40.73 -15.09 -11.69
N THR A 21 -40.97 -14.49 -10.53
CA THR A 21 -41.73 -13.26 -10.43
C THR A 21 -40.84 -12.12 -9.98
N CYS A 22 -41.27 -10.91 -10.34
CA CYS A 22 -40.52 -9.69 -10.04
C CYS A 22 -41.54 -8.60 -9.76
N ARG A 23 -41.54 -8.07 -8.54
CA ARG A 23 -42.53 -7.10 -8.12
C ARG A 23 -41.85 -5.84 -7.60
N SER A 24 -42.57 -4.73 -7.71
CA SER A 24 -42.13 -3.45 -7.16
C SER A 24 -42.70 -3.28 -5.75
N SER A 25 -41.88 -2.74 -4.85
CA SER A 25 -42.38 -2.43 -3.51
C SER A 25 -43.40 -1.29 -3.52
N THR A 26 -43.48 -0.51 -4.61
CA THR A 26 -44.40 0.63 -4.65
C THR A 26 -45.77 0.30 -5.22
N GLY A 27 -45.92 -0.80 -5.93
CA GLY A 27 -47.21 -1.19 -6.44
C GLY A 27 -47.09 -1.90 -7.78
N THR A 28 -48.04 -1.59 -8.67
CA THR A 28 -48.20 -2.34 -9.91
C THR A 28 -47.05 -2.07 -10.88
N ILE A 29 -46.64 -3.13 -11.58
CA ILE A 29 -45.67 -3.03 -12.67
C ILE A 29 -46.43 -3.03 -13.99
N THR A 30 -46.04 -2.14 -14.88
CA THR A 30 -46.56 -2.07 -16.23
C THR A 30 -45.40 -2.15 -17.22
N THR A 31 -45.74 -2.14 -18.51
CA THR A 31 -44.70 -2.08 -19.53
C THR A 31 -43.90 -0.79 -19.49
N SER A 32 -44.36 0.22 -18.75
CA SER A 32 -43.56 1.43 -18.58
C SER A 32 -42.37 1.23 -17.66
N ASN A 33 -42.28 0.08 -16.98
CA ASN A 33 -41.10 -0.24 -16.17
C ASN A 33 -40.04 -1.00 -16.96
N TYR A 34 -40.34 -1.38 -18.21
CA TYR A 34 -39.38 -1.98 -19.14
C TYR A 34 -38.53 -3.06 -18.46
N ALA A 35 -39.23 -4.04 -17.87
CA ALA A 35 -38.54 -5.06 -17.08
C ALA A 35 -37.49 -5.78 -17.92
N ASN A 36 -36.32 -5.98 -17.32
CA ASN A 36 -35.19 -6.62 -17.97
C ASN A 36 -34.73 -7.79 -17.12
N TRP A 37 -34.61 -8.96 -17.73
CA TRP A 37 -34.13 -10.15 -17.04
C TRP A 37 -32.71 -10.43 -17.49
N VAL A 38 -31.80 -10.51 -16.52
CA VAL A 38 -30.38 -10.70 -16.77
C VAL A 38 -29.95 -12.00 -16.10
N GLN A 39 -29.30 -12.88 -16.86
CA GLN A 39 -28.81 -14.15 -16.36
C GLN A 39 -27.33 -14.03 -16.03
N MLY A 40 -26.93 -14.60 -14.90
CA MLY A 40 -25.53 -14.62 -14.50
CB MLY A 40 -25.29 -13.66 -13.33
CG MLY A 40 -23.91 -13.77 -12.68
CD MLY A 40 -22.76 -13.48 -13.64
CE MLY A 40 -21.42 -13.65 -12.95
NZ MLY A 40 -20.28 -13.54 -13.89
CH1 MLY A 40 -20.03 -12.12 -14.15
CH2 MLY A 40 -19.10 -14.09 -13.22
C MLY A 40 -25.09 -16.04 -14.15
O MLY A 40 -25.70 -16.70 -13.30
N MLY A 41 -24.06 -16.51 -14.85
CA MLY A 41 -23.40 -17.77 -14.56
CB MLY A 41 -23.33 -18.66 -15.80
CG MLY A 41 -24.67 -19.05 -16.42
CD MLY A 41 -24.44 -19.82 -17.70
CE MLY A 41 -25.76 -20.12 -18.41
NZ MLY A 41 -25.55 -20.84 -19.70
CH1 MLY A 41 -24.73 -19.96 -20.55
CH2 MLY A 41 -24.73 -22.02 -19.39
C MLY A 41 -21.99 -17.50 -14.05
O MLY A 41 -21.38 -16.49 -14.43
N PRO A 42 -21.45 -18.40 -13.22
CA PRO A 42 -20.04 -18.28 -12.81
C PRO A 42 -19.10 -18.38 -14.01
N ASN A 43 -18.09 -17.51 -14.03
CA ASN A 43 -17.09 -17.46 -15.11
C ASN A 43 -17.71 -17.11 -16.46
N HIS A 44 -18.92 -16.57 -16.47
CA HIS A 44 -19.57 -16.12 -17.70
C HIS A 44 -20.18 -14.74 -17.45
N VAL A 45 -19.96 -13.82 -18.40
CA VAL A 45 -20.46 -12.46 -18.23
C VAL A 45 -21.99 -12.48 -18.08
N PHE A 46 -22.52 -11.42 -17.47
CA PHE A 46 -23.96 -11.21 -17.46
C PHE A 46 -24.47 -11.13 -18.89
N THR A 47 -25.68 -11.63 -19.11
CA THR A 47 -26.31 -11.51 -20.43
C THR A 47 -27.80 -11.23 -20.25
N GLY A 48 -28.29 -10.23 -20.98
CA GLY A 48 -29.71 -9.92 -20.95
C GLY A 48 -30.51 -10.90 -21.79
N LEU A 49 -31.45 -11.60 -21.16
CA LEU A 49 -32.28 -12.57 -21.87
C LEU A 49 -33.58 -11.97 -22.39
N ILE A 50 -34.23 -11.15 -21.56
CA ILE A 50 -35.50 -10.52 -21.90
C ILE A 50 -35.35 -9.03 -21.65
N GLY A 51 -35.81 -8.23 -22.60
CA GLY A 51 -35.86 -6.78 -22.43
C GLY A 51 -37.25 -6.27 -22.75
N ALA A 52 -37.51 -5.05 -22.30
CA ALA A 52 -38.79 -4.37 -22.48
C ALA A 52 -39.96 -5.31 -22.18
N THR A 53 -39.87 -5.98 -21.02
CA THR A 53 -40.88 -6.88 -20.47
C THR A 53 -40.89 -8.25 -21.14
N SER A 54 -40.77 -8.30 -22.48
CA SER A 54 -41.04 -9.54 -23.20
C SER A 54 -40.22 -9.77 -24.45
N ILE A 55 -39.29 -8.88 -24.81
CA ILE A 55 -38.50 -9.05 -26.02
C ILE A 55 -37.33 -9.98 -25.74
N ARG A 56 -37.32 -11.14 -26.42
CA ARG A 56 -36.21 -12.08 -26.30
C ARG A 56 -34.97 -11.55 -27.00
N ALA A 57 -33.81 -11.64 -26.34
CA ALA A 57 -32.58 -11.25 -27.02
C ALA A 57 -32.25 -12.25 -28.12
N PRO A 58 -31.49 -11.83 -29.13
CA PRO A 58 -31.09 -12.78 -30.19
C PRO A 58 -30.28 -13.92 -29.60
N GLY A 59 -30.54 -15.13 -30.12
CA GLY A 59 -29.86 -16.32 -29.64
C GLY A 59 -30.41 -16.92 -28.36
N VAL A 60 -31.23 -16.19 -27.62
CA VAL A 60 -31.79 -16.72 -26.36
C VAL A 60 -32.75 -17.85 -26.68
N PRO A 61 -32.65 -19.00 -26.02
CA PRO A 61 -33.56 -20.12 -26.34
C PRO A 61 -35.01 -19.73 -26.12
N VAL A 62 -35.88 -20.21 -27.02
CA VAL A 62 -37.28 -19.81 -26.98
C VAL A 62 -38.01 -20.34 -25.75
N ARG A 63 -37.41 -21.27 -24.99
CA ARG A 63 -38.04 -21.72 -23.76
C ARG A 63 -38.11 -20.62 -22.69
N PHE A 64 -37.35 -19.54 -22.84
CA PHE A 64 -37.48 -18.38 -21.94
C PHE A 64 -38.55 -17.44 -22.48
N SER A 65 -39.46 -17.02 -21.60
CA SER A 65 -40.49 -16.06 -21.96
C SER A 65 -40.71 -15.07 -20.82
N GLY A 66 -40.94 -13.82 -21.19
CA GLY A 66 -41.26 -12.77 -20.23
C GLY A 66 -42.62 -12.16 -20.52
N PHE A 67 -43.31 -11.76 -19.47
CA PHE A 67 -44.64 -11.16 -19.58
C PHE A 67 -45.02 -10.53 -18.24
N LEU A 68 -46.19 -9.90 -18.22
CA LEU A 68 -46.76 -9.31 -17.02
C LEU A 68 -47.96 -10.13 -16.57
N ILE A 69 -48.08 -10.33 -15.26
CA ILE A 69 -49.22 -11.02 -14.68
C ILE A 69 -49.41 -10.55 -13.25
N GLY A 70 -50.66 -10.25 -12.89
CA GLY A 70 -50.97 -9.81 -11.54
C GLY A 70 -50.23 -8.57 -11.08
N GLY A 71 -49.95 -7.65 -11.99
CA GLY A 71 -49.17 -6.48 -11.64
C GLY A 71 -47.70 -6.74 -11.39
N LYS A 72 -47.19 -7.94 -11.74
CA LYS A 72 -45.79 -8.27 -11.57
C LYS A 72 -45.19 -8.69 -12.90
N ALA A 73 -43.89 -8.47 -13.05
CA ALA A 73 -43.16 -8.99 -14.20
C ALA A 73 -42.76 -10.44 -13.94
N ALA A 74 -42.84 -11.27 -14.97
CA ALA A 74 -42.60 -12.70 -14.81
C ALA A 74 -41.72 -13.24 -15.92
N LEU A 75 -40.96 -14.28 -15.58
CA LEU A 75 -40.10 -14.99 -16.51
C LEU A 75 -40.30 -16.47 -16.31
N THR A 76 -40.78 -17.16 -17.34
CA THR A 76 -40.94 -18.60 -17.29
C THR A 76 -39.81 -19.27 -18.07
N ILE A 77 -39.50 -20.50 -17.68
CA ILE A 77 -38.63 -21.40 -18.41
C ILE A 77 -39.43 -22.66 -18.63
N THR A 78 -39.84 -22.89 -19.88
CA THR A 78 -40.67 -24.06 -20.20
C THR A 78 -39.75 -25.19 -20.66
N GLY A 79 -39.57 -26.19 -19.80
CA GLY A 79 -38.72 -27.32 -20.11
C GLY A 79 -37.27 -27.06 -19.78
N ALA A 80 -37.00 -26.77 -18.51
CA ALA A 80 -35.71 -26.27 -18.09
C ALA A 80 -34.60 -27.27 -18.35
N GLN A 81 -33.43 -26.75 -18.69
CA GLN A 81 -32.25 -27.52 -18.99
C GLN A 81 -31.18 -27.26 -17.93
N THR A 82 -30.23 -28.18 -17.81
CA THR A 82 -29.19 -28.03 -16.79
C THR A 82 -28.42 -26.73 -16.96
N GLU A 83 -28.22 -26.31 -18.21
CA GLU A 83 -27.52 -25.07 -18.49
C GLU A 83 -28.27 -23.84 -18.00
N ASP A 84 -29.54 -23.98 -17.62
CA ASP A 84 -30.32 -22.89 -17.05
C ASP A 84 -30.07 -22.70 -15.57
N ASP A 85 -29.28 -23.56 -14.94
CA ASP A 85 -28.90 -23.43 -13.53
C ASP A 85 -28.01 -22.21 -13.39
N ALA A 86 -28.54 -21.14 -12.78
CA ALA A 86 -27.87 -19.84 -12.83
C ALA A 86 -28.63 -18.85 -11.94
N MET A 87 -28.12 -17.62 -11.89
CA MET A 87 -28.74 -16.53 -11.17
C MET A 87 -29.46 -15.63 -12.16
N TYR A 88 -30.70 -15.27 -11.85
CA TYR A 88 -31.54 -14.46 -12.72
C TYR A 88 -31.89 -13.17 -11.99
N PHE A 89 -31.44 -12.04 -12.53
CA PHE A 89 -31.68 -10.72 -11.96
C PHE A 89 -32.77 -10.00 -12.75
N CYS A 90 -33.64 -9.31 -12.01
CA CYS A 90 -34.68 -8.47 -12.57
C CYS A 90 -34.29 -7.00 -12.38
N ALA A 91 -34.56 -6.19 -13.40
CA ALA A 91 -34.32 -4.74 -13.32
C ALA A 91 -35.56 -4.02 -13.81
N LEU A 92 -35.94 -2.96 -13.08
CA LEU A 92 -37.14 -2.19 -13.37
C LEU A 92 -36.80 -0.72 -13.52
N TRP A 93 -37.37 -0.10 -14.54
CA TRP A 93 -37.17 1.32 -14.81
C TRP A 93 -38.23 2.13 -14.08
N TYR A 94 -37.80 3.05 -13.22
CA TYR A 94 -38.70 3.92 -12.47
C TYR A 94 -38.53 5.33 -12.99
N ASN A 95 -39.09 5.59 -14.18
CA ASN A 95 -39.13 6.92 -14.78
C ASN A 95 -37.75 7.49 -15.10
N THR A 96 -36.84 7.49 -14.12
CA THR A 96 -35.55 8.15 -14.28
C THR A 96 -34.35 7.26 -13.98
N HIS A 97 -34.55 5.99 -13.61
CA HIS A 97 -33.42 5.15 -13.26
C HIS A 97 -33.85 3.70 -13.23
N TYR A 98 -32.89 2.81 -13.48
CA TYR A 98 -33.11 1.38 -13.30
C TYR A 98 -32.77 0.97 -11.87
N VAL A 99 -33.54 0.01 -11.36
CA VAL A 99 -33.27 -0.60 -10.06
C VAL A 99 -33.25 -2.12 -10.25
N PHE A 100 -32.17 -2.76 -9.82
CA PHE A 100 -32.03 -4.20 -9.91
C PHE A 100 -32.57 -4.88 -8.66
N GLY A 101 -33.21 -6.03 -8.87
CA GLY A 101 -33.60 -6.89 -7.78
C GLY A 101 -32.42 -7.66 -7.20
N GLY A 102 -32.71 -8.47 -6.18
CA GLY A 102 -31.66 -9.23 -5.50
C GLY A 102 -31.23 -10.48 -6.24
N GLY A 103 -32.03 -10.93 -7.20
CA GLY A 103 -31.65 -12.09 -8.00
C GLY A 103 -32.23 -13.40 -7.49
N THR A 104 -32.63 -14.27 -8.40
CA THR A 104 -33.12 -15.60 -8.01
C THR A 104 -32.15 -16.69 -8.46
N MLY A 105 -31.69 -17.49 -7.52
CA MLY A 105 -30.85 -18.63 -7.84
CB MLY A 105 -30.00 -19.05 -6.66
CG MLY A 105 -28.98 -20.13 -7.00
CD MLY A 105 -28.02 -20.41 -5.87
CE MLY A 105 -27.10 -21.57 -6.21
NZ MLY A 105 -26.14 -21.88 -5.11
CH1 MLY A 105 -25.64 -23.24 -5.35
CH2 MLY A 105 -24.99 -20.98 -5.31
C MLY A 105 -31.74 -19.80 -8.29
O MLY A 105 -32.54 -20.31 -7.50
N VAL A 106 -31.61 -20.20 -9.54
CA VAL A 106 -32.39 -21.32 -10.06
C VAL A 106 -31.52 -22.57 -10.11
N THR A 107 -31.93 -23.59 -9.36
CA THR A 107 -31.22 -24.86 -9.31
C THR A 107 -31.97 -25.91 -10.13
N VAL A 108 -31.27 -26.51 -11.09
CA VAL A 108 -31.79 -27.64 -11.85
C VAL A 108 -31.21 -28.91 -11.23
N LEU A 109 -32.09 -29.75 -10.69
CA LEU A 109 -31.68 -30.99 -10.04
C LEU A 109 -31.07 -31.95 -11.05
N GLY A 110 -30.35 -32.95 -10.54
CA GLY A 110 -29.78 -33.99 -11.36
C GLY A 110 -28.29 -34.24 -11.17
N GLN A 111 -27.57 -33.22 -10.73
CA GLN A 111 -26.13 -33.33 -10.51
C GLN A 111 -25.86 -34.33 -9.38
N PRO A 112 -25.10 -35.40 -9.63
CA PRO A 112 -24.84 -36.37 -8.56
C PRO A 112 -23.85 -35.82 -7.54
N LYS A 113 -23.96 -36.37 -6.32
CA LYS A 113 -23.06 -35.96 -5.25
C LYS A 113 -21.64 -36.42 -5.55
N ALA A 114 -20.68 -35.56 -5.24
CA ALA A 114 -19.28 -35.81 -5.52
C ALA A 114 -18.47 -35.49 -4.28
N ALA A 115 -17.62 -36.41 -3.87
CA ALA A 115 -16.76 -36.17 -2.71
C ALA A 115 -15.63 -35.23 -3.09
N PRO A 116 -15.12 -34.45 -2.14
CA PRO A 116 -14.03 -33.52 -2.45
C PRO A 116 -12.70 -34.21 -2.60
N SER A 117 -11.92 -33.75 -3.57
CA SER A 117 -10.53 -34.12 -3.74
C SER A 117 -9.66 -33.07 -3.07
N VAL A 118 -8.71 -33.52 -2.24
CA VAL A 118 -7.91 -32.64 -1.40
C VAL A 118 -6.43 -32.81 -1.74
N THR A 119 -5.77 -31.69 -2.02
CA THR A 119 -4.33 -31.66 -2.23
C THR A 119 -3.73 -30.64 -1.29
N LEU A 120 -2.70 -31.05 -0.55
CA LEU A 120 -2.07 -30.24 0.48
C LEU A 120 -0.60 -30.04 0.16
N PHE A 121 -0.17 -28.78 0.12
CA PHE A 121 1.22 -28.45 -0.19
C PHE A 121 1.92 -27.89 1.05
N PRO A 122 3.09 -28.42 1.40
CA PRO A 122 3.84 -27.85 2.51
C PRO A 122 4.52 -26.55 2.08
N PRO A 123 5.09 -25.80 3.02
CA PRO A 123 5.83 -24.58 2.62
C PRO A 123 7.02 -24.94 1.75
N SER A 124 7.21 -24.16 0.70
CA SER A 124 8.34 -24.37 -0.20
C SER A 124 9.63 -23.91 0.45
N SER A 125 10.75 -24.35 -0.14
CA SER A 125 12.06 -23.93 0.35
C SER A 125 12.27 -22.43 0.18
N GLU A 126 11.74 -21.85 -0.89
CA GLU A 126 11.88 -20.41 -1.10
C GLU A 126 11.21 -19.62 0.01
N GLU A 127 9.99 -20.02 0.39
CA GLU A 127 9.24 -19.25 1.39
C GLU A 127 9.88 -19.37 2.77
N LEU A 128 10.41 -20.54 3.10
CA LEU A 128 11.06 -20.72 4.40
C LEU A 128 12.29 -19.84 4.55
N GLN A 129 12.96 -19.54 3.44
CA GLN A 129 14.10 -18.62 3.50
C GLN A 129 13.65 -17.19 3.82
N ALA A 130 12.43 -16.81 3.41
CA ALA A 130 11.88 -15.51 3.72
C ALA A 130 11.22 -15.46 5.10
N ASN A 131 11.53 -16.43 5.97
CA ASN A 131 10.98 -16.51 7.33
C ASN A 131 9.45 -16.54 7.30
N LYS A 132 8.89 -17.23 6.31
CA LYS A 132 7.46 -17.41 6.20
C LYS A 132 7.17 -18.89 5.94
N ALA A 133 5.94 -19.30 6.26
CA ALA A 133 5.53 -20.69 6.08
C ALA A 133 4.01 -20.73 5.99
N THR A 134 3.50 -21.21 4.86
CA THR A 134 2.07 -21.31 4.63
C THR A 134 1.73 -22.70 4.10
N LEU A 135 0.67 -23.29 4.64
CA LEU A 135 0.14 -24.54 4.15
C LEU A 135 -1.02 -24.25 3.21
N VAL A 136 -1.02 -24.87 2.04
CA VAL A 136 -2.02 -24.63 1.00
C VAL A 136 -2.83 -25.90 0.83
N CYS A 137 -4.10 -25.85 1.23
CA CYS A 137 -5.02 -26.97 1.09
C CYS A 137 -6.01 -26.63 -0.02
N LEU A 138 -6.06 -27.47 -1.05
CA LEU A 138 -6.87 -27.23 -2.24
C LEU A 138 -7.95 -28.29 -2.34
N ILE A 139 -9.21 -27.84 -2.34
CA ILE A 139 -10.38 -28.71 -2.35
C ILE A 139 -11.12 -28.49 -3.66
N SER A 140 -11.34 -29.57 -4.41
CA SER A 140 -11.97 -29.43 -5.72
C SER A 140 -12.90 -30.61 -5.98
N ASP A 141 -13.79 -30.41 -6.96
CA ASP A 141 -14.66 -31.46 -7.51
C ASP A 141 -15.64 -32.01 -6.46
N PHE A 142 -16.22 -31.13 -5.66
CA PHE A 142 -17.25 -31.54 -4.71
C PHE A 142 -18.59 -30.89 -5.06
N TYR A 143 -19.66 -31.64 -4.82
CA TYR A 143 -21.03 -31.18 -5.01
C TYR A 143 -21.91 -31.92 -4.01
N PRO A 144 -22.84 -31.22 -3.33
CA PRO A 144 -23.14 -29.78 -3.45
C PRO A 144 -22.03 -28.86 -2.90
N GLY A 145 -22.01 -27.62 -3.37
CA GLY A 145 -20.92 -26.70 -3.08
C GLY A 145 -20.85 -26.20 -1.65
N ALA A 146 -20.58 -27.10 -0.70
CA ALA A 146 -20.45 -26.73 0.70
C ALA A 146 -19.51 -27.70 1.40
N VAL A 147 -18.41 -27.17 1.94
CA VAL A 147 -17.48 -27.96 2.75
C VAL A 147 -17.05 -27.15 3.97
N THR A 148 -16.66 -27.87 5.02
CA THR A 148 -16.06 -27.28 6.20
C THR A 148 -14.63 -27.79 6.34
N VAL A 149 -13.74 -26.92 6.82
CA VAL A 149 -12.31 -27.24 6.90
C VAL A 149 -11.87 -27.11 8.36
N ALA A 150 -11.12 -28.10 8.82
CA ALA A 150 -10.48 -28.05 10.13
C ALA A 150 -9.03 -28.47 9.98
N TRP A 151 -8.14 -27.72 10.61
CA TRP A 151 -6.72 -28.01 10.59
C TRP A 151 -6.28 -28.67 11.89
N LYS A 152 -5.15 -29.38 11.81
CA LYS A 152 -4.65 -30.15 12.94
C LYS A 152 -3.15 -29.95 13.05
N ALA A 153 -2.69 -29.47 14.20
CA ALA A 153 -1.27 -29.46 14.53
C ALA A 153 -0.97 -30.79 15.22
N ASP A 154 -0.22 -31.65 14.53
CA ASP A 154 -0.09 -33.04 14.95
C ASP A 154 -1.47 -33.67 14.98
N SER A 155 -1.99 -33.95 16.17
CA SER A 155 -3.33 -34.50 16.29
C SER A 155 -4.29 -33.55 17.00
N SER A 156 -3.85 -32.33 17.32
CA SER A 156 -4.67 -31.39 18.06
C SER A 156 -5.14 -30.24 17.16
N PRO A 157 -6.34 -29.70 17.37
CA PRO A 157 -6.83 -28.66 16.48
C PRO A 157 -6.03 -27.37 16.60
N VAL A 158 -6.15 -26.54 15.57
CA VAL A 158 -5.49 -25.24 15.54
C VAL A 158 -6.35 -24.28 14.72
N LYS A 159 -6.77 -23.17 15.33
CA LYS A 159 -7.64 -22.20 14.68
C LYS A 159 -6.93 -20.93 14.24
N ALA A 160 -5.85 -20.56 14.91
CA ALA A 160 -5.16 -19.31 14.60
C ALA A 160 -4.42 -19.42 13.26
N GLY A 161 -4.62 -18.44 12.40
CA GLY A 161 -3.93 -18.40 11.13
C GLY A 161 -4.59 -19.16 10.00
N VAL A 162 -5.88 -19.50 10.14
CA VAL A 162 -6.61 -20.24 9.12
C VAL A 162 -7.49 -19.26 8.33
N GLU A 163 -7.40 -19.32 7.02
CA GLU A 163 -8.22 -18.49 6.13
C GLU A 163 -8.69 -19.34 4.96
N THR A 164 -10.00 -19.51 4.85
CA THR A 164 -10.62 -20.36 3.84
C THR A 164 -11.50 -19.52 2.94
N THR A 165 -11.54 -19.88 1.65
CA THR A 165 -12.35 -19.18 0.68
C THR A 165 -13.78 -19.71 0.68
N THR A 166 -14.69 -18.89 0.14
CA THR A 166 -16.02 -19.36 -0.18
C THR A 166 -15.93 -20.40 -1.31
N PRO A 167 -16.91 -21.30 -1.41
CA PRO A 167 -16.91 -22.25 -2.53
C PRO A 167 -17.20 -21.54 -3.84
N SER A 168 -16.46 -21.92 -4.87
CA SER A 168 -16.67 -21.37 -6.21
C SER A 168 -16.95 -22.50 -7.19
N MLY A 169 -17.79 -22.24 -8.18
CA MLY A 169 -18.19 -23.26 -9.14
CB MLY A 169 -19.54 -22.90 -9.76
CG MLY A 169 -20.09 -23.93 -10.75
CD MLY A 169 -21.57 -23.71 -10.98
CE MLY A 169 -22.09 -24.56 -12.13
NZ MLY A 169 -23.58 -24.48 -12.26
CH1 MLY A 169 -24.13 -25.05 -11.02
CH2 MLY A 169 -23.94 -23.06 -12.28
C MLY A 169 -17.14 -23.47 -10.23
O MLY A 169 -16.61 -22.50 -10.78
N GLN A 170 -16.85 -24.73 -10.53
CA GLN A 170 -15.87 -25.08 -11.55
C GLN A 170 -16.53 -25.21 -12.92
N SER A 171 -15.70 -25.42 -13.95
CA SER A 171 -16.21 -25.55 -15.31
C SER A 171 -17.00 -26.84 -15.49
N ASN A 172 -16.73 -27.86 -14.68
CA ASN A 172 -17.48 -29.12 -14.74
C ASN A 172 -18.66 -29.13 -13.77
N ASN A 173 -19.16 -27.96 -13.39
CA ASN A 173 -20.35 -27.82 -12.54
C ASN A 173 -20.16 -28.38 -11.14
N MLY A 174 -18.92 -28.69 -10.78
CA MLY A 174 -18.60 -29.01 -9.39
CB MLY A 174 -17.67 -30.22 -9.31
CG MLY A 174 -18.31 -31.52 -9.78
CD MLY A 174 -17.27 -32.60 -10.00
CE MLY A 174 -17.91 -33.87 -10.53
NZ MLY A 174 -16.89 -34.88 -10.88
CH1 MLY A 174 -17.57 -36.18 -10.84
CH2 MLY A 174 -16.53 -34.64 -12.29
C MLY A 174 -17.99 -27.78 -8.75
O MLY A 174 -17.77 -26.77 -9.41
N TYR A 175 -17.73 -27.86 -7.44
CA TYR A 175 -17.27 -26.69 -6.72
C TYR A 175 -15.86 -26.87 -6.16
N ALA A 176 -15.20 -25.74 -5.90
CA ALA A 176 -13.83 -25.73 -5.41
C ALA A 176 -13.69 -24.71 -4.29
N ALA A 177 -12.66 -24.90 -3.48
CA ALA A 177 -12.32 -23.97 -2.41
C ALA A 177 -10.88 -24.23 -2.02
N SER A 178 -10.30 -23.27 -1.28
CA SER A 178 -8.94 -23.42 -0.80
C SER A 178 -8.84 -22.88 0.61
N SER A 179 -7.87 -23.41 1.37
CA SER A 179 -7.66 -22.99 2.74
C SER A 179 -6.16 -22.80 2.96
N TYR A 180 -5.81 -21.70 3.63
CA TYR A 180 -4.42 -21.34 3.86
C TYR A 180 -4.18 -21.27 5.36
N LEU A 181 -3.19 -22.02 5.83
CA LEU A 181 -2.73 -21.96 7.21
C LEU A 181 -1.39 -21.26 7.24
N SER A 182 -1.32 -20.13 7.93
CA SER A 182 -0.09 -19.38 8.08
C SER A 182 0.61 -19.81 9.37
N LEU A 183 1.90 -20.12 9.27
CA LEU A 183 2.67 -20.55 10.42
C LEU A 183 4.03 -19.88 10.39
N THR A 184 4.63 -19.73 11.56
CA THR A 184 6.03 -19.35 11.61
C THR A 184 6.88 -20.51 11.09
N PRO A 185 8.10 -20.22 10.64
CA PRO A 185 9.01 -21.32 10.29
C PRO A 185 9.29 -22.25 11.45
N GLU A 186 9.38 -21.71 12.68
CA GLU A 186 9.69 -22.54 13.84
C GLU A 186 8.57 -23.50 14.17
N GLN A 187 7.31 -23.02 14.10
CA GLN A 187 6.18 -23.89 14.39
C GLN A 187 6.07 -25.02 13.37
N TRP A 188 6.47 -24.76 12.11
CA TRP A 188 6.38 -25.77 11.08
C TRP A 188 7.36 -26.92 11.31
N LYS A 189 8.53 -26.62 11.87
CA LYS A 189 9.54 -27.65 12.10
C LYS A 189 9.48 -28.24 13.50
N SER A 190 8.82 -27.59 14.45
CA SER A 190 8.71 -28.11 15.81
C SER A 190 7.63 -29.18 15.95
N HIS A 191 6.78 -29.35 14.95
CA HIS A 191 5.73 -30.35 14.99
C HIS A 191 6.07 -31.50 14.05
N ARG A 192 5.51 -32.68 14.34
CA ARG A 192 5.75 -33.84 13.50
C ARG A 192 5.10 -33.67 12.13
N SER A 193 3.86 -33.19 12.09
CA SER A 193 3.15 -33.02 10.83
C SER A 193 1.95 -32.11 11.05
N TYR A 194 1.36 -31.67 9.95
CA TYR A 194 0.12 -30.91 9.94
C TYR A 194 -0.86 -31.57 8.99
N SER A 195 -2.15 -31.43 9.29
CA SER A 195 -3.19 -32.06 8.52
C SER A 195 -4.26 -31.04 8.14
N CYS A 196 -4.89 -31.26 6.98
CA CYS A 196 -6.04 -30.48 6.52
C CYS A 196 -7.19 -31.44 6.32
N GLN A 197 -8.24 -31.30 7.13
CA GLN A 197 -9.39 -32.18 7.08
C GLN A 197 -10.58 -31.44 6.48
N VAL A 198 -11.19 -32.05 5.46
CA VAL A 198 -12.30 -31.45 4.73
C VAL A 198 -13.53 -32.34 4.93
N THR A 199 -14.58 -31.76 5.53
CA THR A 199 -15.80 -32.49 5.82
C THR A 199 -16.88 -32.10 4.82
N HIS A 200 -17.51 -33.10 4.19
CA HIS A 200 -18.52 -32.86 3.17
C HIS A 200 -19.59 -33.94 3.28
N GLU A 201 -20.81 -33.53 3.62
CA GLU A 201 -21.98 -34.42 3.62
C GLU A 201 -21.79 -35.58 4.60
N GLY A 202 -21.17 -35.30 5.74
CA GLY A 202 -20.96 -36.29 6.77
C GLY A 202 -19.67 -37.07 6.67
N SER A 203 -19.01 -37.06 5.50
CA SER A 203 -17.74 -37.73 5.31
C SER A 203 -16.61 -36.72 5.33
N THR A 204 -15.47 -37.13 5.88
CA THR A 204 -14.30 -36.27 6.01
C THR A 204 -13.15 -36.85 5.20
N VAL A 205 -12.45 -35.97 4.48
CA VAL A 205 -11.26 -36.33 3.71
C VAL A 205 -10.08 -35.59 4.32
N GLU A 206 -8.95 -36.28 4.43
CA GLU A 206 -7.80 -35.70 5.12
C GLU A 206 -6.51 -35.81 4.31
N MLY A 207 -5.63 -34.82 4.49
CA MLY A 207 -4.33 -34.81 3.83
CB MLY A 207 -4.36 -33.87 2.62
CG MLY A 207 -3.85 -34.47 1.31
CD MLY A 207 -4.50 -35.82 0.99
CE MLY A 207 -3.98 -36.40 -0.33
NZ MLY A 207 -4.30 -37.84 -0.51
CH1 MLY A 207 -3.03 -38.57 -0.58
CH2 MLY A 207 -4.94 -38.00 -1.82
C MLY A 207 -3.25 -34.39 4.84
O MLY A 207 -3.51 -33.54 5.69
N THR A 208 -2.07 -34.98 4.77
CA THR A 208 -1.02 -34.71 5.74
C THR A 208 0.33 -34.42 5.07
N VAL A 209 1.01 -33.38 5.56
CA VAL A 209 2.34 -33.01 5.10
C VAL A 209 3.25 -32.90 6.32
N ALA A 210 4.55 -33.11 6.10
CA ALA A 210 5.53 -33.16 7.15
C ALA A 210 6.79 -32.41 6.74
N PRO A 211 7.45 -31.75 7.70
CA PRO A 211 8.74 -31.09 7.39
C PRO A 211 9.72 -32.04 6.72
N THR A 212 10.46 -31.50 5.76
CA THR A 212 11.47 -32.27 5.03
C THR A 212 12.83 -31.61 5.15
N VAL B 2 -21.52 -10.30 -31.45
CA VAL B 2 -21.53 -9.04 -30.71
C VAL B 2 -20.52 -9.07 -29.57
N GLN B 3 -19.92 -7.93 -29.29
CA GLN B 3 -18.92 -7.82 -28.24
C GLN B 3 -18.97 -6.44 -27.60
N LEU B 4 -18.68 -6.41 -26.31
CA LEU B 4 -18.53 -5.16 -25.55
C LEU B 4 -17.27 -5.31 -24.71
N VAL B 5 -16.18 -4.68 -25.13
CA VAL B 5 -14.91 -4.75 -24.42
C VAL B 5 -14.74 -3.48 -23.60
N GLU B 6 -14.43 -3.63 -22.32
CA GLU B 6 -14.26 -2.52 -21.41
C GLU B 6 -12.81 -2.36 -21.02
N SER B 7 -12.47 -1.14 -20.59
CA SER B 7 -11.12 -0.82 -20.14
C SER B 7 -11.18 0.48 -19.36
N GLY B 8 -10.10 0.79 -18.64
CA GLY B 8 -9.98 2.02 -17.90
C GLY B 8 -10.01 1.87 -16.40
N GLY B 9 -10.39 0.70 -15.88
CA GLY B 9 -10.44 0.51 -14.44
C GLY B 9 -9.06 0.31 -13.84
N GLY B 10 -8.93 0.71 -12.58
CA GLY B 10 -7.67 0.56 -11.89
C GLY B 10 -7.79 1.03 -10.46
N LEU B 11 -6.63 1.17 -9.81
CA LEU B 11 -6.57 1.66 -8.45
C LEU B 11 -6.37 3.17 -8.47
N VAL B 12 -7.14 3.88 -7.66
CA VAL B 12 -7.08 5.33 -7.58
C VAL B 12 -7.40 5.75 -6.15
N GLN B 13 -6.64 6.72 -5.64
CA GLN B 13 -6.83 7.19 -4.29
C GLN B 13 -8.16 7.93 -4.15
N PRO B 14 -8.71 8.00 -2.94
CA PRO B 14 -9.98 8.72 -2.74
C PRO B 14 -9.89 10.16 -3.24
N GLY B 15 -10.93 10.60 -3.94
CA GLY B 15 -10.95 11.90 -4.56
C GLY B 15 -10.38 11.96 -5.96
N GLY B 16 -9.73 10.90 -6.42
CA GLY B 16 -9.15 10.86 -7.74
C GLY B 16 -10.19 10.68 -8.83
N SER B 17 -9.70 10.43 -10.03
CA SER B 17 -10.57 10.30 -11.20
C SER B 17 -10.15 9.10 -12.04
N LEU B 18 -11.13 8.52 -12.73
CA LEU B 18 -10.92 7.48 -13.71
C LEU B 18 -11.91 7.66 -14.85
N ARG B 19 -11.52 7.19 -16.03
CA ARG B 19 -12.37 7.26 -17.22
C ARG B 19 -12.50 5.86 -17.80
N LEU B 20 -13.70 5.29 -17.74
CA LEU B 20 -13.96 3.98 -18.30
C LEU B 20 -14.39 4.12 -19.76
N SER B 21 -14.09 3.10 -20.55
CA SER B 21 -14.42 3.06 -21.95
C SER B 21 -14.98 1.69 -22.30
N CYS B 22 -15.99 1.67 -23.16
CA CYS B 22 -16.68 0.46 -23.58
C CYS B 22 -16.69 0.47 -25.10
N ALA B 23 -15.94 -0.45 -25.71
CA ALA B 23 -15.82 -0.52 -27.16
C ALA B 23 -16.85 -1.49 -27.71
N ALA B 24 -17.74 -1.00 -28.56
CA ALA B 24 -18.83 -1.80 -29.10
C ALA B 24 -18.55 -2.21 -30.53
N SER B 25 -19.00 -3.42 -30.88
CA SER B 25 -18.79 -3.96 -32.21
C SER B 25 -19.81 -5.06 -32.45
N GLY B 26 -20.07 -5.33 -33.73
CA GLY B 26 -20.99 -6.38 -34.11
C GLY B 26 -22.47 -6.03 -34.06
N PHE B 27 -22.83 -4.76 -33.90
CA PHE B 27 -24.22 -4.36 -33.86
C PHE B 27 -24.33 -2.86 -34.11
N ILE B 28 -25.54 -2.42 -34.44
CA ILE B 28 -25.80 -1.00 -34.69
C ILE B 28 -25.77 -0.27 -33.36
N PHE B 29 -24.60 0.25 -33.00
CA PHE B 29 -24.40 0.87 -31.69
C PHE B 29 -25.31 2.08 -31.50
N SER B 30 -25.48 2.89 -32.54
CA SER B 30 -26.28 4.10 -32.45
C SER B 30 -27.77 3.84 -32.30
N SER B 31 -28.22 2.58 -32.35
CA SER B 31 -29.62 2.24 -32.24
C SER B 31 -30.07 1.95 -30.81
N ASP B 32 -29.14 1.81 -29.88
CA ASP B 32 -29.46 1.30 -28.55
C ASP B 32 -29.07 2.31 -27.47
N TRP B 33 -29.90 2.37 -26.43
CA TRP B 33 -29.46 2.91 -25.16
C TRP B 33 -28.31 2.06 -24.63
N MET B 34 -27.41 2.71 -23.88
CA MET B 34 -26.31 2.01 -23.23
C MET B 34 -26.32 2.32 -21.74
N ASN B 35 -25.97 1.32 -20.93
CA ASN B 35 -26.00 1.41 -19.47
C ASN B 35 -24.63 1.13 -18.87
N TRP B 36 -24.35 1.80 -17.76
CA TRP B 36 -23.25 1.43 -16.87
C TRP B 36 -23.84 0.84 -15.59
N VAL B 37 -23.38 -0.36 -15.24
CA VAL B 37 -23.82 -1.07 -14.06
C VAL B 37 -22.58 -1.47 -13.27
N ARG B 38 -22.66 -1.40 -11.95
CA ARG B 38 -21.56 -1.78 -11.08
C ARG B 38 -22.04 -2.77 -10.03
N GLN B 39 -21.09 -3.53 -9.51
CA GLN B 39 -21.37 -4.47 -8.42
C GLN B 39 -20.13 -4.59 -7.56
N ALA B 40 -20.29 -4.27 -6.27
CA ALA B 40 -19.20 -4.46 -5.33
C ALA B 40 -19.20 -5.91 -4.84
N PRO B 41 -18.03 -6.44 -4.47
CA PRO B 41 -17.98 -7.82 -3.97
C PRO B 41 -18.89 -8.01 -2.76
N GLY B 42 -19.74 -9.03 -2.83
CA GLY B 42 -20.66 -9.34 -1.76
C GLY B 42 -21.97 -8.56 -1.78
N LYS B 43 -22.08 -7.52 -2.59
CA LYS B 43 -23.25 -6.66 -2.64
C LYS B 43 -24.04 -6.94 -3.91
N GLY B 44 -25.16 -6.22 -4.06
CA GLY B 44 -26.03 -6.41 -5.20
C GLY B 44 -25.63 -5.58 -6.41
N LEU B 45 -26.32 -5.83 -7.51
CA LEU B 45 -26.14 -5.04 -8.72
C LEU B 45 -26.72 -3.65 -8.54
N GLU B 46 -25.97 -2.64 -8.96
CA GLU B 46 -26.41 -1.25 -8.85
C GLU B 46 -26.29 -0.60 -10.22
N TRP B 47 -27.43 -0.24 -10.80
CA TRP B 47 -27.44 0.57 -12.02
C TRP B 47 -26.85 1.95 -11.71
N VAL B 48 -25.94 2.39 -12.57
CA VAL B 48 -25.22 3.66 -12.37
C VAL B 48 -25.76 4.76 -13.26
N ALA B 49 -25.84 4.50 -14.56
CA ALA B 49 -26.17 5.54 -15.53
C ALA B 49 -26.54 4.92 -16.87
N ASN B 50 -27.31 5.67 -17.65
CA ASN B 50 -27.66 5.26 -19.01
C ASN B 50 -27.72 6.48 -19.91
N ILE B 51 -27.80 6.23 -21.22
CA ILE B 51 -27.73 7.28 -22.21
C ILE B 51 -28.49 6.82 -23.43
N ASN B 52 -29.14 7.77 -24.11
CA ASN B 52 -29.96 7.43 -25.26
C ASN B 52 -29.11 7.41 -26.52
N GLN B 53 -29.76 7.19 -27.67
CA GLN B 53 -29.07 6.91 -28.92
C GLN B 53 -28.13 8.05 -29.32
N ASP B 54 -28.66 9.28 -29.36
CA ASP B 54 -27.87 10.41 -29.82
C ASP B 54 -27.09 11.09 -28.70
N GLY B 55 -27.28 10.67 -27.45
CA GLY B 55 -26.57 11.27 -26.34
C GLY B 55 -27.18 12.53 -25.78
N SER B 56 -28.43 12.85 -26.14
CA SER B 56 -29.08 14.05 -25.64
C SER B 56 -29.75 13.81 -24.29
N GLU B 57 -29.99 12.56 -23.92
CA GLU B 57 -30.61 12.23 -22.65
C GLU B 57 -29.71 11.30 -21.85
N MLY B 58 -29.41 11.69 -20.62
CA MLY B 58 -28.56 10.91 -19.73
CB MLY B 58 -27.13 11.45 -19.72
CG MLY B 58 -26.85 12.49 -20.80
CD MLY B 58 -25.37 12.74 -20.98
CE MLY B 58 -25.13 13.79 -22.05
NZ MLY B 58 -23.69 13.94 -22.41
CH1 MLY B 58 -23.61 14.98 -23.43
CH2 MLY B 58 -23.01 14.46 -21.21
C MLY B 58 -29.13 10.91 -18.32
O MLY B 58 -29.55 11.95 -17.81
N TYR B 59 -29.17 9.74 -17.68
CA TYR B 59 -29.68 9.62 -16.32
C TYR B 59 -28.65 9.00 -15.40
N TYR B 60 -28.74 9.33 -14.11
CA TYR B 60 -27.78 8.88 -13.12
C TYR B 60 -28.48 8.50 -11.83
N VAL B 61 -27.88 7.55 -11.10
CA VAL B 61 -28.32 7.26 -9.74
C VAL B 61 -27.88 8.40 -8.84
N ASP B 62 -28.70 8.68 -7.81
CA ASP B 62 -28.47 9.86 -6.97
C ASP B 62 -27.10 9.83 -6.29
N SER B 63 -26.57 8.63 -6.02
CA SER B 63 -25.26 8.50 -5.40
C SER B 63 -24.12 8.99 -6.28
N VAL B 64 -24.42 9.47 -7.49
CA VAL B 64 -23.42 9.62 -8.54
C VAL B 64 -23.55 11.01 -9.17
N LYS B 65 -24.74 11.60 -9.09
CA LYS B 65 -24.98 12.92 -9.67
C LYS B 65 -23.96 13.94 -9.18
N GLY B 66 -23.40 14.70 -10.12
CA GLY B 66 -22.38 15.67 -9.81
C GLY B 66 -20.96 15.14 -9.83
N ARG B 67 -20.78 13.83 -9.92
CA ARG B 67 -19.45 13.24 -9.93
C ARG B 67 -19.15 12.46 -11.19
N PHE B 68 -20.11 11.70 -11.72
CA PHE B 68 -19.89 10.91 -12.93
C PHE B 68 -20.57 11.56 -14.12
N THR B 69 -20.06 11.24 -15.31
CA THR B 69 -20.61 11.77 -16.55
C THR B 69 -20.52 10.68 -17.61
N ILE B 70 -21.67 10.24 -18.10
CA ILE B 70 -21.73 9.24 -19.17
C ILE B 70 -21.75 9.97 -20.51
N SER B 71 -21.08 9.39 -21.49
CA SER B 71 -21.02 9.95 -22.83
C SER B 71 -20.80 8.82 -23.81
N ARG B 72 -21.04 9.11 -25.10
CA ARG B 72 -20.88 8.11 -26.15
C ARG B 72 -20.41 8.80 -27.42
N ASP B 73 -19.77 8.01 -28.28
CA ASP B 73 -19.29 8.47 -29.58
C ASP B 73 -19.74 7.44 -30.61
N ASN B 74 -20.87 7.73 -31.28
CA ASN B 74 -21.41 6.77 -32.23
C ASN B 74 -20.49 6.58 -33.43
N ALA B 75 -19.70 7.59 -33.78
CA ALA B 75 -18.77 7.45 -34.89
C ALA B 75 -17.66 6.45 -34.57
N GLN B 76 -17.33 6.27 -33.30
CA GLN B 76 -16.32 5.30 -32.88
C GLN B 76 -16.90 4.15 -32.08
N ASN B 77 -18.23 4.08 -31.96
CA ASN B 77 -18.91 2.97 -31.28
C ASN B 77 -18.37 2.76 -29.88
N SER B 78 -18.15 3.86 -29.15
CA SER B 78 -17.54 3.83 -27.84
C SER B 78 -18.46 4.49 -26.81
N LEU B 79 -18.56 3.86 -25.65
CA LEU B 79 -19.27 4.40 -24.50
C LEU B 79 -18.27 4.74 -23.41
N TYR B 80 -18.45 5.90 -22.77
CA TYR B 80 -17.52 6.39 -21.78
C TYR B 80 -18.23 6.67 -20.47
N LEU B 81 -17.47 6.57 -19.37
CA LEU B 81 -17.95 6.96 -18.04
C LEU B 81 -16.82 7.71 -17.33
N GLN B 82 -16.90 9.03 -17.35
CA GLN B 82 -15.97 9.87 -16.62
C GLN B 82 -16.34 9.87 -15.14
N MET B 83 -15.43 9.43 -14.29
CA MET B 83 -15.70 9.28 -12.86
C MET B 83 -14.78 10.22 -12.09
N ASN B 84 -15.36 11.23 -11.46
CA ASN B 84 -14.63 12.21 -10.68
C ASN B 84 -15.03 12.13 -9.22
N SER B 85 -14.19 12.70 -8.36
CA SER B 85 -14.42 12.73 -6.91
C SER B 85 -14.72 11.32 -6.39
N LEU B 86 -13.86 10.37 -6.78
CA LEU B 86 -14.10 8.97 -6.46
C LEU B 86 -14.08 8.75 -4.95
N ARG B 87 -15.04 7.97 -4.47
CA ARG B 87 -15.18 7.64 -3.07
C ARG B 87 -14.95 6.15 -2.86
N ALA B 88 -14.64 5.78 -1.61
CA ALA B 88 -14.42 4.38 -1.28
C ALA B 88 -15.63 3.52 -1.64
N GLU B 89 -16.83 4.10 -1.57
CA GLU B 89 -18.06 3.37 -1.89
C GLU B 89 -18.20 3.09 -3.37
N ASP B 90 -17.44 3.78 -4.22
CA ASP B 90 -17.46 3.53 -5.66
C ASP B 90 -16.65 2.30 -6.06
N THR B 91 -15.94 1.68 -5.12
CA THR B 91 -15.23 0.43 -5.42
C THR B 91 -16.22 -0.64 -5.85
N ALA B 92 -16.04 -1.16 -7.06
CA ALA B 92 -16.93 -2.17 -7.63
C ALA B 92 -16.38 -2.60 -8.98
N VAL B 93 -16.90 -3.72 -9.48
CA VAL B 93 -16.70 -4.07 -10.88
C VAL B 93 -17.75 -3.33 -11.69
N TYR B 94 -17.31 -2.61 -12.73
CA TYR B 94 -18.20 -1.82 -13.56
C TYR B 94 -18.42 -2.51 -14.89
N TYR B 95 -19.67 -2.60 -15.30
CA TYR B 95 -20.07 -3.27 -16.53
C TYR B 95 -20.83 -2.29 -17.42
N CYS B 96 -20.51 -2.30 -18.72
CA CYS B 96 -21.36 -1.64 -19.70
C CYS B 96 -22.31 -2.66 -20.31
N ALA B 97 -23.55 -2.23 -20.53
CA ALA B 97 -24.59 -3.15 -20.98
C ALA B 97 -25.70 -2.44 -21.75
N MLY B 98 -26.36 -3.19 -22.62
CA MLY B 98 -27.59 -2.72 -23.22
CB MLY B 98 -27.52 -2.75 -24.74
CG MLY B 98 -26.76 -3.92 -25.33
CD MLY B 98 -26.39 -3.66 -26.78
CE MLY B 98 -25.58 -4.82 -27.36
NZ MLY B 98 -26.38 -6.06 -27.49
CH1 MLY B 98 -27.29 -5.88 -28.62
CH2 MLY B 98 -25.44 -7.13 -27.87
C MLY B 98 -28.73 -3.58 -22.71
O MLY B 98 -28.52 -4.45 -21.86
N GLU B 99 -29.94 -3.33 -23.21
CA GLU B 99 -31.12 -4.04 -22.74
C GLU B 99 -31.02 -5.54 -23.06
N LEU B 100 -30.50 -5.84 -24.25
CA LEU B 100 -30.44 -7.20 -24.76
C LEU B 100 -28.99 -7.61 -24.97
N GLY B 101 -28.73 -8.91 -24.80
CA GLY B 101 -27.45 -9.47 -25.16
C GLY B 101 -26.42 -9.40 -24.04
N PRO B 102 -25.22 -9.91 -24.32
CA PRO B 102 -24.21 -10.04 -23.26
C PRO B 102 -23.68 -8.70 -22.80
N TRP B 103 -23.43 -8.59 -21.49
CA TRP B 103 -22.74 -7.41 -20.99
C TRP B 103 -21.26 -7.50 -21.33
N GLY B 104 -20.55 -6.40 -21.11
CA GLY B 104 -19.11 -6.42 -21.18
C GLY B 104 -18.51 -7.33 -20.12
N GLN B 105 -17.23 -7.64 -20.29
CA GLN B 105 -16.56 -8.51 -19.35
C GLN B 105 -16.38 -7.86 -17.98
N GLY B 106 -16.47 -6.53 -17.91
CA GLY B 106 -16.36 -5.84 -16.65
C GLY B 106 -14.95 -5.40 -16.32
N THR B 107 -14.79 -4.17 -15.85
CA THR B 107 -13.51 -3.65 -15.40
C THR B 107 -13.62 -3.27 -13.93
N LEU B 108 -12.53 -3.50 -13.19
CA LEU B 108 -12.51 -3.37 -11.74
C LEU B 108 -11.95 -2.00 -11.35
N VAL B 109 -12.68 -1.30 -10.48
CA VAL B 109 -12.30 0.02 -10.00
C VAL B 109 -12.13 -0.05 -8.49
N THR B 110 -10.95 0.29 -8.02
CA THR B 110 -10.63 0.24 -6.59
C THR B 110 -10.27 1.64 -6.11
N VAL B 111 -11.06 2.18 -5.21
CA VAL B 111 -10.80 3.49 -4.63
C VAL B 111 -10.35 3.26 -3.19
N SER B 112 -9.04 3.36 -2.98
CA SER B 112 -8.47 3.08 -1.67
C SER B 112 -7.19 3.88 -1.51
N SER B 113 -6.91 4.29 -0.28
CA SER B 113 -5.67 4.99 0.01
C SER B 113 -4.46 4.08 0.14
N ALA B 114 -4.64 2.77 -0.01
CA ALA B 114 -3.52 1.83 0.06
C ALA B 114 -2.84 1.72 -1.30
N SER B 115 -1.53 1.50 -1.27
CA SER B 115 -0.78 1.40 -2.51
C SER B 115 -0.82 -0.03 -3.03
N THR B 116 -0.63 -0.16 -4.34
CA THR B 116 -0.57 -1.48 -4.96
C THR B 116 0.69 -2.21 -4.51
N LYS B 117 0.60 -3.54 -4.45
CA LYS B 117 1.72 -4.35 -4.01
C LYS B 117 1.84 -5.59 -4.88
N GLY B 118 3.03 -5.81 -5.43
CA GLY B 118 3.30 -6.97 -6.24
C GLY B 118 3.36 -8.24 -5.40
N PRO B 119 2.90 -9.35 -5.97
CA PRO B 119 2.85 -10.61 -5.22
C PRO B 119 4.19 -11.31 -5.19
N SER B 120 4.32 -12.20 -4.21
CA SER B 120 5.41 -13.16 -4.16
C SER B 120 4.91 -14.48 -4.72
N VAL B 121 5.74 -15.11 -5.56
CA VAL B 121 5.38 -16.38 -6.19
C VAL B 121 6.31 -17.45 -5.67
N PHE B 122 5.73 -18.51 -5.11
CA PHE B 122 6.47 -19.65 -4.59
C PHE B 122 6.03 -20.93 -5.28
N PRO B 123 6.96 -21.82 -5.61
CA PRO B 123 6.58 -23.09 -6.26
C PRO B 123 5.99 -24.08 -5.28
N LEU B 124 5.03 -24.87 -5.76
CA LEU B 124 4.37 -25.91 -4.98
C LEU B 124 4.81 -27.26 -5.56
N ALA B 125 6.01 -27.68 -5.17
CA ALA B 125 6.66 -28.82 -5.81
C ALA B 125 5.91 -30.12 -5.49
N PRO B 126 5.79 -31.03 -6.46
CA PRO B 126 5.09 -32.28 -6.20
C PRO B 126 5.98 -33.30 -5.50
N SER B 127 5.49 -34.54 -5.39
CA SER B 127 6.24 -35.62 -4.74
C SER B 127 5.77 -36.94 -5.32
N SER B 128 6.72 -37.77 -5.74
CA SER B 128 6.37 -39.07 -6.30
C SER B 128 5.74 -39.99 -5.26
N LYS B 129 6.11 -39.83 -3.99
CA LYS B 129 5.51 -40.60 -2.91
C LYS B 129 4.19 -40.01 -2.44
N SER B 130 3.74 -38.91 -3.02
CA SER B 130 2.48 -38.28 -2.65
C SER B 130 1.56 -38.12 -3.85
N THR B 131 1.27 -39.22 -4.53
CA THR B 131 0.42 -39.25 -5.71
C THR B 131 -0.93 -39.87 -5.36
N SER B 132 -1.78 -40.01 -6.37
CA SER B 132 -3.12 -40.57 -6.18
C SER B 132 -3.56 -41.18 -7.51
N GLY B 133 -3.30 -42.48 -7.67
CA GLY B 133 -3.66 -43.15 -8.90
C GLY B 133 -2.76 -42.85 -10.07
N GLY B 134 -1.46 -42.64 -9.81
CA GLY B 134 -0.51 -42.33 -10.85
C GLY B 134 -0.41 -40.86 -11.23
N THR B 135 -1.35 -40.03 -10.77
CA THR B 135 -1.33 -38.61 -11.09
C THR B 135 -0.60 -37.84 -10.01
N ALA B 136 0.25 -36.90 -10.42
CA ALA B 136 0.92 -35.99 -9.51
C ALA B 136 0.15 -34.67 -9.44
N ALA B 137 0.71 -33.71 -8.72
CA ALA B 137 0.07 -32.41 -8.56
C ALA B 137 1.14 -31.39 -8.18
N LEU B 138 1.35 -30.41 -9.05
CA LEU B 138 2.29 -29.32 -8.81
C LEU B 138 1.58 -28.00 -9.07
N GLY B 139 2.15 -26.91 -8.56
CA GLY B 139 1.50 -25.63 -8.75
C GLY B 139 2.37 -24.48 -8.28
N CYS B 140 1.74 -23.30 -8.21
CA CYS B 140 2.38 -22.07 -7.81
C CYS B 140 1.50 -21.36 -6.78
N LEU B 141 2.15 -20.71 -5.81
CA LEU B 141 1.47 -19.95 -4.76
C LEU B 141 1.74 -18.47 -5.00
N VAL B 142 0.68 -17.73 -5.31
CA VAL B 142 0.76 -16.29 -5.55
C VAL B 142 0.26 -15.60 -4.29
N LYS B 143 1.18 -15.10 -3.49
CA LYS B 143 0.86 -14.65 -2.13
C LYS B 143 1.05 -13.15 -1.98
N ASP B 144 0.12 -12.52 -1.25
CA ASP B 144 0.23 -11.15 -0.78
C ASP B 144 0.31 -10.13 -1.92
N TYR B 145 -0.83 -9.85 -2.56
CA TYR B 145 -0.90 -8.81 -3.57
C TYR B 145 -2.17 -8.00 -3.37
N PHE B 146 -2.19 -6.81 -3.98
CA PHE B 146 -3.33 -5.90 -3.91
C PHE B 146 -3.28 -4.92 -5.07
N PRO B 147 -4.39 -4.73 -5.80
CA PRO B 147 -5.60 -5.52 -5.59
C PRO B 147 -5.73 -6.63 -6.63
N GLU B 148 -6.93 -7.18 -6.77
CA GLU B 148 -7.24 -8.04 -7.90
C GLU B 148 -7.08 -7.25 -9.21
N PRO B 149 -6.86 -7.94 -10.33
CA PRO B 149 -6.75 -9.39 -10.48
C PRO B 149 -5.32 -9.88 -10.69
N VAL B 150 -5.18 -11.20 -10.78
CA VAL B 150 -3.93 -11.84 -11.13
C VAL B 150 -4.23 -12.92 -12.15
N THR B 151 -3.45 -12.97 -13.21
CA THR B 151 -3.54 -14.03 -14.20
C THR B 151 -2.38 -15.00 -14.02
N VAL B 152 -2.65 -16.28 -14.22
CA VAL B 152 -1.65 -17.33 -14.12
C VAL B 152 -1.84 -18.28 -15.29
N SER B 153 -0.78 -18.51 -16.06
CA SER B 153 -0.76 -19.50 -17.13
C SER B 153 0.36 -20.50 -16.87
N TRP B 154 0.44 -21.51 -17.71
CA TRP B 154 1.43 -22.58 -17.57
C TRP B 154 2.11 -22.82 -18.90
N ASN B 155 3.44 -22.80 -18.89
CA ASN B 155 4.26 -22.98 -20.09
C ASN B 155 3.84 -22.00 -21.18
N SER B 156 3.60 -20.74 -20.77
CA SER B 156 3.24 -19.65 -21.67
C SER B 156 1.97 -19.96 -22.45
N GLY B 157 0.98 -20.52 -21.76
CA GLY B 157 -0.31 -20.79 -22.35
C GLY B 157 -0.44 -22.10 -23.11
N ALA B 158 0.67 -22.80 -23.36
CA ALA B 158 0.58 -24.05 -24.12
C ALA B 158 0.02 -25.20 -23.29
N LEU B 159 0.21 -25.16 -21.97
CA LEU B 159 -0.30 -26.20 -21.07
C LEU B 159 -1.62 -25.73 -20.48
N THR B 160 -2.70 -26.42 -20.83
CA THR B 160 -4.02 -26.14 -20.27
C THR B 160 -4.73 -27.37 -19.71
N SER B 161 -4.37 -28.57 -20.15
CA SER B 161 -5.01 -29.77 -19.63
C SER B 161 -4.55 -30.03 -18.21
N GLY B 162 -5.50 -30.21 -17.29
CA GLY B 162 -5.19 -30.45 -15.89
C GLY B 162 -4.91 -29.21 -15.07
N VAL B 163 -4.99 -28.02 -15.66
CA VAL B 163 -4.71 -26.79 -14.93
C VAL B 163 -5.96 -26.35 -14.17
N HIS B 164 -5.77 -25.97 -12.91
CA HIS B 164 -6.86 -25.50 -12.06
C HIS B 164 -6.36 -24.33 -11.23
N THR B 165 -6.82 -23.13 -11.54
CA THR B 165 -6.47 -21.94 -10.81
C THR B 165 -7.59 -21.60 -9.84
N PHE B 166 -7.23 -21.41 -8.58
CA PHE B 166 -8.25 -21.20 -7.55
C PHE B 166 -8.48 -19.70 -7.33
N PRO B 167 -9.72 -19.32 -7.05
CA PRO B 167 -9.99 -17.92 -6.68
C PRO B 167 -9.22 -17.52 -5.44
N ALA B 168 -8.84 -16.24 -5.37
CA ALA B 168 -8.00 -15.77 -4.30
C ALA B 168 -8.75 -15.73 -2.97
N VAL B 169 -8.00 -15.81 -1.87
CA VAL B 169 -8.53 -15.60 -0.53
C VAL B 169 -8.24 -14.17 -0.12
N LEU B 170 -9.19 -13.54 0.57
CA LEU B 170 -9.00 -12.20 1.13
C LEU B 170 -8.54 -12.34 2.57
N GLN B 171 -7.27 -12.03 2.81
CA GLN B 171 -6.72 -12.13 4.16
C GLN B 171 -7.21 -10.96 5.02
N SER B 172 -7.06 -11.14 6.34
CA SER B 172 -7.49 -10.10 7.27
C SER B 172 -6.70 -8.81 7.08
N SER B 173 -5.46 -8.91 6.59
CA SER B 173 -4.64 -7.74 6.33
C SER B 173 -5.08 -6.95 5.11
N GLY B 174 -5.97 -7.50 4.28
CA GLY B 174 -6.40 -6.85 3.06
C GLY B 174 -5.70 -7.32 1.81
N LEU B 175 -4.65 -8.13 1.95
CA LEU B 175 -3.96 -8.68 0.79
C LEU B 175 -4.62 -9.98 0.33
N TYR B 176 -4.41 -10.29 -0.94
CA TYR B 176 -4.98 -11.48 -1.55
C TYR B 176 -3.91 -12.56 -1.72
N SER B 177 -4.36 -13.81 -1.80
CA SER B 177 -3.49 -14.92 -2.15
C SER B 177 -4.29 -15.97 -2.92
N LEU B 178 -3.71 -16.49 -4.00
CA LEU B 178 -4.34 -17.57 -4.74
C LEU B 178 -3.28 -18.63 -5.08
N SER B 179 -3.77 -19.78 -5.54
CA SER B 179 -2.90 -20.84 -6.02
C SER B 179 -3.46 -21.40 -7.33
N SER B 180 -2.54 -21.80 -8.22
CA SER B 180 -2.87 -22.50 -9.45
C SER B 180 -2.20 -23.86 -9.43
N VAL B 181 -2.95 -24.91 -9.79
CA VAL B 181 -2.49 -26.28 -9.70
C VAL B 181 -2.70 -26.97 -11.05
N VAL B 182 -1.75 -27.83 -11.42
CA VAL B 182 -1.86 -28.65 -12.62
C VAL B 182 -1.56 -30.09 -12.25
N THR B 183 -2.47 -30.99 -12.60
CA THR B 183 -2.31 -32.42 -12.33
C THR B 183 -1.79 -33.12 -13.58
N VAL B 184 -0.71 -33.88 -13.41
CA VAL B 184 -0.06 -34.56 -14.55
C VAL B 184 0.46 -35.90 -14.09
N PRO B 185 0.56 -36.85 -15.02
CA PRO B 185 1.04 -38.19 -14.65
C PRO B 185 2.49 -38.16 -14.14
N SER B 186 2.83 -39.20 -13.37
CA SER B 186 4.16 -39.28 -12.78
C SER B 186 5.24 -39.47 -13.83
N SER B 187 4.91 -40.10 -14.97
CA SER B 187 5.91 -40.34 -16.00
C SER B 187 6.43 -39.06 -16.63
N SER B 188 5.66 -37.99 -16.59
CA SER B 188 6.07 -36.70 -17.12
C SER B 188 6.82 -35.85 -16.10
N LEU B 189 7.12 -36.40 -14.93
CA LEU B 189 7.81 -35.63 -13.89
C LEU B 189 9.26 -35.37 -14.27
N GLY B 190 9.88 -36.28 -15.01
CA GLY B 190 11.29 -36.13 -15.35
C GLY B 190 11.54 -35.83 -16.81
N THR B 191 10.47 -35.73 -17.61
CA THR B 191 10.60 -35.49 -19.04
C THR B 191 10.03 -34.15 -19.49
N GLN B 192 9.01 -33.63 -18.81
CA GLN B 192 8.40 -32.37 -19.19
C GLN B 192 8.80 -31.26 -18.22
N THR B 193 8.79 -30.03 -18.71
CA THR B 193 9.11 -28.85 -17.92
C THR B 193 7.83 -28.07 -17.64
N TYR B 194 7.65 -27.67 -16.39
CA TYR B 194 6.44 -26.97 -15.94
C TYR B 194 6.84 -25.61 -15.38
N ILE B 195 6.33 -24.54 -15.99
CA ILE B 195 6.61 -23.17 -15.58
C ILE B 195 5.29 -22.40 -15.53
N CYS B 196 5.03 -21.74 -14.41
CA CYS B 196 3.84 -20.92 -14.25
C CYS B 196 4.17 -19.46 -14.52
N ASN B 197 3.29 -18.78 -15.24
CA ASN B 197 3.48 -17.39 -15.62
C ASN B 197 2.47 -16.56 -14.84
N VAL B 198 2.95 -15.84 -13.84
CA VAL B 198 2.10 -14.99 -13.01
C VAL B 198 2.21 -13.57 -13.53
N ASN B 199 1.07 -12.89 -13.65
CA ASN B 199 1.04 -11.50 -14.07
C ASN B 199 0.12 -10.72 -13.15
N HIS B 200 0.65 -9.70 -12.50
CA HIS B 200 -0.14 -8.78 -11.69
C HIS B 200 -0.02 -7.37 -12.26
N MLY B 201 -0.92 -7.06 -13.20
CA MLY B 201 -0.92 -5.77 -13.91
CB MLY B 201 -2.04 -5.77 -14.96
CG MLY B 201 -1.74 -6.59 -16.21
CD MLY B 201 -2.71 -6.25 -17.33
CE MLY B 201 -2.41 -7.01 -18.62
NZ MLY B 201 -2.82 -8.45 -18.55
CH1 MLY B 201 -4.25 -8.49 -18.23
CH2 MLY B 201 -2.69 -8.98 -19.91
C MLY B 201 -1.02 -4.50 -13.06
O MLY B 201 -0.40 -3.49 -13.41
N PRO B 202 -1.81 -4.52 -11.96
CA PRO B 202 -1.86 -3.28 -11.17
C PRO B 202 -0.51 -2.81 -10.61
N SER B 203 0.39 -3.74 -10.33
CA SER B 203 1.73 -3.42 -9.84
C SER B 203 2.82 -3.61 -10.88
N ASN B 204 2.46 -3.98 -12.12
CA ASN B 204 3.42 -4.22 -13.19
C ASN B 204 4.46 -5.25 -12.78
N THR B 205 3.98 -6.38 -12.28
CA THR B 205 4.83 -7.45 -11.78
C THR B 205 4.56 -8.71 -12.60
N LYS B 206 5.55 -9.14 -13.38
CA LYS B 206 5.48 -10.37 -14.16
C LYS B 206 6.59 -11.30 -13.70
N VAL B 207 6.22 -12.43 -13.10
CA VAL B 207 7.17 -13.37 -12.53
C VAL B 207 6.96 -14.74 -13.14
N ASP B 208 8.05 -15.38 -13.56
CA ASP B 208 8.01 -16.77 -14.02
C ASP B 208 8.68 -17.68 -12.99
N MLY B 209 8.02 -18.79 -12.66
CA MLY B 209 8.58 -19.76 -11.73
CB MLY B 209 7.83 -19.71 -10.40
CG MLY B 209 8.28 -18.61 -9.45
CD MLY B 209 9.76 -18.76 -9.10
CE MLY B 209 10.12 -17.88 -7.91
NZ MLY B 209 11.47 -17.26 -8.04
CH1 MLY B 209 12.44 -18.34 -8.28
CH2 MLY B 209 11.44 -16.42 -9.25
C MLY B 209 8.54 -21.18 -12.28
O MLY B 209 7.48 -21.68 -12.64
N ARG B 210 9.70 -21.80 -12.37
CA ARG B 210 9.78 -23.19 -12.77
C ARG B 210 9.48 -24.07 -11.57
N VAL B 211 8.64 -25.09 -11.78
CA VAL B 211 8.22 -26.00 -10.72
C VAL B 211 8.80 -27.38 -11.04
N GLU B 212 9.57 -27.91 -10.10
CA GLU B 212 10.20 -29.22 -10.23
C GLU B 212 10.14 -29.91 -8.87
N PRO B 213 10.17 -31.25 -8.85
CA PRO B 213 10.01 -31.95 -7.57
C PRO B 213 11.14 -31.65 -6.59
N LYS B 214 10.82 -31.82 -5.31
CA LYS B 214 11.78 -31.58 -4.24
C LYS B 214 12.87 -32.64 -4.24
N PCA C 1 19.52 42.35 -3.06
CA PCA C 1 18.45 41.41 -2.78
CB PCA C 1 18.94 39.97 -2.87
CG PCA C 1 20.44 40.05 -2.69
CD PCA C 1 20.71 41.50 -2.98
OE PCA C 1 21.86 41.92 -3.16
C PCA C 1 17.86 41.65 -1.40
O PCA C 1 18.61 41.96 -0.47
N ALA C 2 16.55 41.52 -1.27
CA ALA C 2 15.89 41.69 0.02
C ALA C 2 16.31 40.57 0.97
N VAL C 3 16.47 40.91 2.25
CA VAL C 3 16.85 39.95 3.28
C VAL C 3 15.76 39.94 4.35
N VAL C 4 15.42 38.74 4.81
CA VAL C 4 14.38 38.54 5.80
C VAL C 4 15.05 38.26 7.15
N ILE C 5 14.78 39.11 8.12
CA ILE C 5 15.41 39.04 9.44
C ILE C 5 14.35 38.65 10.44
N GLN C 6 14.65 37.61 11.24
CA GLN C 6 13.71 37.10 12.23
C GLN C 6 14.26 37.31 13.63
N GLU C 7 13.34 37.41 14.58
CA GLU C 7 13.69 37.63 15.98
C GLU C 7 14.57 36.50 16.51
N SER C 8 15.39 36.82 17.50
CA SER C 8 16.25 35.82 18.13
C SER C 8 15.40 34.82 18.93
N ALA C 9 16.07 33.81 19.47
CA ALA C 9 15.38 32.72 20.17
C ALA C 9 14.47 33.23 21.27
N LEU C 10 13.31 32.59 21.41
CA LEU C 10 12.33 32.91 22.43
C LEU C 10 12.07 31.70 23.32
N THR C 11 11.81 31.95 24.60
CA THR C 11 11.39 30.89 25.50
C THR C 11 10.12 31.31 26.24
N THR C 12 9.40 30.31 26.75
CA THR C 12 8.18 30.55 27.52
C THR C 12 7.88 29.34 28.38
N SER C 13 7.29 29.60 29.54
CA SER C 13 6.75 28.54 30.37
C SER C 13 5.45 28.03 29.76
N PRO C 14 5.02 26.82 30.11
CA PRO C 14 3.74 26.32 29.59
C PRO C 14 2.60 27.28 29.93
N GLY C 15 1.75 27.52 28.94
CA GLY C 15 0.66 28.46 29.09
C GLY C 15 1.02 29.91 28.84
N GLY C 16 2.29 30.21 28.58
CA GLY C 16 2.70 31.56 28.31
C GLY C 16 2.50 31.95 26.86
N THR C 17 2.93 33.17 26.55
CA THR C 17 2.78 33.77 25.24
C THR C 17 4.15 34.12 24.69
N VAL C 18 4.34 33.94 23.39
CA VAL C 18 5.53 34.43 22.70
C VAL C 18 5.07 35.16 21.45
N ILE C 19 5.74 36.27 21.13
CA ILE C 19 5.47 37.01 19.91
C ILE C 19 6.67 36.83 18.99
N LEU C 20 6.46 36.15 17.88
CA LEU C 20 7.45 36.01 16.81
C LEU C 20 7.30 37.16 15.84
N THR C 21 8.41 37.81 15.50
CA THR C 21 8.37 38.90 14.54
C THR C 21 9.32 38.65 13.38
N CYS C 22 8.94 39.20 12.24
CA CYS C 22 9.66 39.03 10.98
C CYS C 22 9.82 40.42 10.38
N ARG C 23 11.04 40.74 9.94
CA ARG C 23 11.37 42.07 9.45
C ARG C 23 11.99 41.97 8.07
N SER C 24 11.55 42.84 7.16
CA SER C 24 12.16 42.95 5.85
C SER C 24 13.23 44.04 5.88
N SER C 25 14.36 43.75 5.24
CA SER C 25 15.46 44.71 5.21
C SER C 25 15.23 45.86 4.23
N THR C 26 14.17 45.81 3.43
CA THR C 26 13.92 46.84 2.42
C THR C 26 12.91 47.90 2.86
N GLY C 27 12.14 47.63 3.90
CA GLY C 27 11.14 48.58 4.34
C GLY C 27 10.06 47.87 5.14
N THR C 28 8.93 48.57 5.29
CA THR C 28 7.82 47.99 6.04
C THR C 28 7.18 46.86 5.26
N ILE C 29 6.56 45.95 5.99
CA ILE C 29 5.90 44.79 5.40
C ILE C 29 4.42 45.08 5.25
N THR C 30 3.88 44.79 4.08
CA THR C 30 2.49 44.98 3.75
C THR C 30 1.85 43.63 3.44
N THR C 31 0.53 43.65 3.25
CA THR C 31 -0.19 42.43 2.89
C THR C 31 0.37 41.81 1.61
N SER C 32 0.94 42.62 0.72
CA SER C 32 1.44 42.12 -0.55
C SER C 32 2.72 41.31 -0.42
N ASN C 33 3.31 41.26 0.77
CA ASN C 33 4.44 40.35 0.99
C ASN C 33 3.99 38.96 1.40
N TYR C 34 2.70 38.77 1.65
CA TYR C 34 2.09 37.45 1.90
C TYR C 34 2.94 36.63 2.86
N ALA C 35 2.97 37.12 4.10
CA ALA C 35 3.79 36.52 5.14
C ALA C 35 3.38 35.07 5.38
N ASN C 36 4.33 34.16 5.25
CA ASN C 36 4.12 32.73 5.45
C ASN C 36 4.94 32.29 6.66
N TRP C 37 4.30 31.60 7.60
CA TRP C 37 4.95 31.10 8.81
C TRP C 37 4.97 29.58 8.77
N VAL C 38 6.16 29.01 8.68
CA VAL C 38 6.35 27.57 8.53
C VAL C 38 6.94 27.02 9.83
N GLN C 39 6.26 26.05 10.42
CA GLN C 39 6.76 25.38 11.61
C GLN C 39 7.58 24.16 11.23
N MLY C 40 8.78 24.06 11.81
CA MLY C 40 9.62 22.88 11.62
CB MLY C 40 11.03 23.28 11.16
CG MLY C 40 11.96 22.08 10.96
CD MLY C 40 13.42 22.51 10.88
CE MLY C 40 14.33 21.34 10.49
NZ MLY C 40 15.78 21.69 10.55
CH1 MLY C 40 16.52 20.61 9.89
CH2 MLY C 40 15.97 22.89 9.72
C MLY C 40 9.72 22.06 12.91
O MLY C 40 10.18 22.55 13.94
N MLY C 41 9.29 20.80 12.82
CA MLY C 41 9.37 19.83 13.90
CB MLY C 41 8.01 19.17 14.13
CG MLY C 41 6.99 20.03 14.87
CD MLY C 41 5.72 19.24 15.12
CE MLY C 41 4.68 20.08 15.86
NZ MLY C 41 3.43 19.31 16.06
CH1 MLY C 41 2.48 20.18 16.78
CH2 MLY C 41 2.86 19.05 14.74
C MLY C 41 10.43 18.77 13.56
O MLY C 41 10.88 18.72 12.42
N PRO C 42 10.83 17.94 14.55
CA PRO C 42 11.78 16.84 14.29
C PRO C 42 11.41 15.93 13.11
N ASN C 43 12.43 15.37 12.46
CA ASN C 43 12.31 14.53 11.27
C ASN C 43 11.94 15.33 10.02
N HIS C 44 12.22 16.63 10.03
CA HIS C 44 12.10 17.48 8.84
C HIS C 44 10.66 17.54 8.31
N VAL C 45 9.69 17.62 9.21
CA VAL C 45 8.30 17.79 8.84
C VAL C 45 7.99 19.28 8.89
N PHE C 46 7.93 19.91 7.73
CA PHE C 46 7.58 21.32 7.62
C PHE C 46 6.08 21.46 7.39
N THR C 47 5.48 22.45 8.04
CA THR C 47 4.05 22.73 7.89
C THR C 47 3.83 24.23 7.91
N GLY C 48 3.11 24.73 6.91
CA GLY C 48 2.70 26.12 6.90
C GLY C 48 1.50 26.35 7.79
N LEU C 49 1.71 27.08 8.89
CA LEU C 49 0.66 27.35 9.87
C LEU C 49 -0.15 28.58 9.50
N ILE C 50 0.54 29.67 9.17
CA ILE C 50 -0.08 30.93 8.80
C ILE C 50 0.36 31.28 7.39
N GLY C 51 -0.60 31.63 6.55
CA GLY C 51 -0.30 32.09 5.21
C GLY C 51 -1.08 33.35 4.92
N ALA C 52 -0.58 34.11 3.94
CA ALA C 52 -1.13 35.42 3.57
C ALA C 52 -1.36 36.26 4.81
N THR C 53 -0.27 36.47 5.55
CA THR C 53 -0.21 37.30 6.76
C THR C 53 -0.97 36.70 7.95
N SER C 54 -2.24 36.33 7.76
CA SER C 54 -3.09 36.05 8.90
C SER C 54 -4.03 34.85 8.75
N ILE C 55 -3.89 34.04 7.70
CA ILE C 55 -4.80 32.92 7.48
C ILE C 55 -4.21 31.68 8.13
N ARG C 56 -4.99 31.04 9.00
CA ARG C 56 -4.58 29.79 9.60
C ARG C 56 -4.84 28.63 8.65
N ALA C 57 -3.89 27.71 8.57
CA ALA C 57 -4.08 26.48 7.83
C ALA C 57 -5.09 25.60 8.55
N PRO C 58 -5.77 24.70 7.83
CA PRO C 58 -6.71 23.78 8.47
C PRO C 58 -6.04 22.99 9.59
N GLY C 59 -6.73 22.89 10.72
CA GLY C 59 -6.24 22.15 11.86
C GLY C 59 -5.32 22.92 12.77
N VAL C 60 -4.85 24.10 12.37
CA VAL C 60 -3.96 24.88 13.24
C VAL C 60 -4.76 25.41 14.42
N PRO C 61 -4.25 25.30 15.64
CA PRO C 61 -5.00 25.79 16.80
C PRO C 61 -5.14 27.31 16.80
N VAL C 62 -6.28 27.77 17.31
CA VAL C 62 -6.59 29.20 17.33
C VAL C 62 -5.62 30.01 18.19
N ARG C 63 -4.83 29.35 19.03
CA ARG C 63 -3.81 30.06 19.80
C ARG C 63 -2.67 30.57 18.92
N PHE C 64 -2.65 30.20 17.64
CA PHE C 64 -1.72 30.80 16.68
C PHE C 64 -2.44 31.92 15.93
N SER C 65 -1.74 33.04 15.75
CA SER C 65 -2.33 34.14 15.01
C SER C 65 -1.23 34.97 14.37
N GLY C 66 -1.48 35.42 13.15
CA GLY C 66 -0.55 36.26 12.43
C GLY C 66 -1.19 37.62 12.15
N PHE C 67 -0.34 38.63 12.08
CA PHE C 67 -0.79 40.00 11.85
C PHE C 67 0.43 40.87 11.60
N LEU C 68 0.19 42.09 11.12
CA LEU C 68 1.22 43.08 10.88
C LEU C 68 1.27 44.07 12.05
N ILE C 69 2.47 44.46 12.45
CA ILE C 69 2.65 45.41 13.54
C ILE C 69 4.02 46.05 13.45
N GLY C 70 4.06 47.39 13.60
CA GLY C 70 5.31 48.12 13.59
C GLY C 70 6.13 47.98 12.33
N GLY C 71 5.47 47.83 11.19
CA GLY C 71 6.17 47.61 9.94
C GLY C 71 6.69 46.18 9.77
N MLY C 72 6.38 45.32 10.76
CA MLY C 72 6.83 43.93 10.74
CB MLY C 72 7.55 43.59 12.04
CG MLY C 72 8.79 44.44 12.34
CD MLY C 72 9.27 44.16 13.76
CE MLY C 72 10.59 44.85 14.05
NZ MLY C 72 11.03 44.62 15.46
CH1 MLY C 72 12.49 44.82 15.50
CH2 MLY C 72 10.45 45.71 16.25
C MLY C 72 5.67 42.94 10.55
O MLY C 72 4.51 43.30 10.71
N ALA C 73 6.01 41.70 10.22
CA ALA C 73 5.05 40.59 10.29
C ALA C 73 5.22 39.87 11.62
N ALA C 74 4.10 39.49 12.24
CA ALA C 74 4.14 38.89 13.57
C ALA C 74 3.37 37.58 13.59
N LEU C 75 3.86 36.66 14.42
CA LEU C 75 3.18 35.42 14.76
C LEU C 75 3.13 35.33 16.28
N THR C 76 1.94 35.29 16.84
CA THR C 76 1.75 35.24 18.29
C THR C 76 1.20 33.87 18.67
N ILE C 77 1.87 33.22 19.63
CA ILE C 77 1.41 31.96 20.20
C ILE C 77 1.00 32.26 21.64
N THR C 78 -0.26 32.00 21.97
CA THR C 78 -0.73 32.12 23.34
C THR C 78 -0.92 30.73 23.93
N GLY C 79 -0.93 30.68 25.27
CA GLY C 79 -1.06 29.43 25.99
C GLY C 79 -0.15 28.36 25.44
N ALA C 80 1.14 28.67 25.36
CA ALA C 80 2.11 27.79 24.71
C ALA C 80 2.01 26.37 25.24
N GLN C 81 2.05 25.40 24.32
CA GLN C 81 2.03 23.99 24.65
C GLN C 81 3.38 23.36 24.33
N THR C 82 3.63 22.20 24.93
CA THR C 82 4.87 21.46 24.64
C THR C 82 5.05 21.25 23.14
N GLU C 83 3.98 20.85 22.45
CA GLU C 83 4.06 20.59 21.02
C GLU C 83 4.45 21.83 20.22
N ASP C 84 4.33 23.02 20.79
CA ASP C 84 4.73 24.24 20.10
C ASP C 84 6.24 24.48 20.13
N ASP C 85 6.99 23.67 20.89
CA ASP C 85 8.44 23.81 20.93
C ASP C 85 9.00 23.41 19.58
N ALA C 86 9.42 24.38 18.78
CA ALA C 86 9.83 24.10 17.41
C ALA C 86 10.62 25.28 16.87
N MET C 87 11.05 25.14 15.62
CA MET C 87 11.63 26.23 14.85
C MET C 87 10.58 26.79 13.91
N TYR C 88 10.55 28.12 13.81
CA TYR C 88 9.53 28.83 13.03
C TYR C 88 10.22 29.73 12.00
N PHE C 89 9.92 29.50 10.73
CA PHE C 89 10.52 30.26 9.64
C PHE C 89 9.53 31.24 9.05
N CYS C 90 10.00 32.45 8.75
CA CYS C 90 9.22 33.46 8.06
C CYS C 90 9.62 33.52 6.59
N ALA C 91 8.63 33.56 5.71
CA ALA C 91 8.85 33.70 4.27
C ALA C 91 8.05 34.89 3.78
N LEU C 92 8.71 35.80 3.06
CA LEU C 92 8.08 36.98 2.49
C LEU C 92 8.14 36.89 0.97
N TRP C 93 7.06 37.32 0.32
CA TRP C 93 6.99 37.39 -1.13
C TRP C 93 7.35 38.80 -1.58
N TYR C 94 8.31 38.92 -2.49
CA TYR C 94 8.74 40.20 -3.03
C TYR C 94 8.41 40.27 -4.52
N ASN C 95 7.11 40.28 -4.81
CA ASN C 95 6.57 40.50 -6.16
C ASN C 95 6.89 39.36 -7.11
N THR C 96 8.15 38.91 -7.16
CA THR C 96 8.56 37.85 -8.07
C THR C 96 9.23 36.66 -7.40
N HIS C 97 9.55 36.72 -6.11
CA HIS C 97 10.28 35.63 -5.48
C HIS C 97 10.00 35.61 -3.99
N TYR C 98 10.05 34.41 -3.41
CA TYR C 98 9.95 34.21 -1.98
C TYR C 98 11.33 34.23 -1.36
N VAL C 99 11.44 34.82 -0.17
CA VAL C 99 12.68 34.82 0.60
C VAL C 99 12.37 34.33 2.00
N PHE C 100 13.09 33.30 2.44
CA PHE C 100 12.92 32.75 3.77
C PHE C 100 13.85 33.46 4.76
N GLY C 101 13.34 33.71 5.96
CA GLY C 101 14.19 34.15 7.04
C GLY C 101 14.96 33.00 7.64
N GLY C 102 15.87 33.34 8.57
CA GLY C 102 16.73 32.35 9.18
C GLY C 102 16.05 31.49 10.24
N GLY C 103 14.83 31.81 10.63
CA GLY C 103 14.16 30.97 11.63
C GLY C 103 14.31 31.51 13.03
N THR C 104 13.27 31.29 13.84
CA THR C 104 13.29 31.63 15.25
C THR C 104 12.91 30.40 16.06
N LYS C 105 13.74 30.06 17.04
CA LYS C 105 13.48 28.93 17.92
C LYS C 105 12.58 29.34 19.07
N VAL C 106 11.59 28.50 19.37
CA VAL C 106 10.71 28.69 20.51
C VAL C 106 10.88 27.49 21.43
N THR C 107 11.38 27.73 22.63
CA THR C 107 11.58 26.70 23.64
C THR C 107 10.50 26.84 24.70
N VAL C 108 9.75 25.76 24.93
CA VAL C 108 8.79 25.71 26.02
C VAL C 108 9.47 25.02 27.20
N LEU C 109 9.59 25.75 28.31
CA LEU C 109 10.33 25.32 29.47
C LEU C 109 9.52 24.31 30.29
N GLY C 110 10.17 23.75 31.31
CA GLY C 110 9.47 22.88 32.24
C GLY C 110 9.32 21.44 31.82
N GLN C 111 9.90 21.04 30.70
CA GLN C 111 9.77 19.66 30.26
C GLN C 111 10.67 18.77 31.12
N PRO C 112 10.17 17.62 31.57
CA PRO C 112 10.90 16.83 32.56
C PRO C 112 12.24 16.35 32.02
N LYS C 113 13.23 16.30 32.91
CA LYS C 113 14.53 15.78 32.53
C LYS C 113 14.47 14.26 32.41
N ALA C 114 15.31 13.72 31.54
CA ALA C 114 15.27 12.31 31.20
C ALA C 114 16.69 11.76 31.17
N ALA C 115 16.94 10.74 31.96
CA ALA C 115 18.25 10.10 31.94
C ALA C 115 18.43 9.36 30.62
N PRO C 116 19.64 9.35 30.07
CA PRO C 116 19.85 8.66 28.79
C PRO C 116 19.83 7.15 28.96
N SER C 117 19.19 6.48 28.03
CA SER C 117 19.17 5.02 27.94
C SER C 117 20.24 4.58 26.96
N VAL C 118 21.14 3.70 27.39
CA VAL C 118 22.31 3.32 26.62
C VAL C 118 22.25 1.83 26.32
N THR C 119 22.44 1.48 25.06
CA THR C 119 22.50 0.08 24.61
C THR C 119 23.78 -0.10 23.81
N LEU C 120 24.64 -1.00 24.26
CA LEU C 120 25.95 -1.21 23.66
C LEU C 120 26.00 -2.60 23.03
N PHE C 121 26.40 -2.65 21.76
CA PHE C 121 26.51 -3.90 21.03
C PHE C 121 27.97 -4.16 20.68
N PRO C 122 28.48 -5.36 20.95
CA PRO C 122 29.81 -5.72 20.49
C PRO C 122 29.81 -5.97 18.98
N PRO C 123 30.98 -6.07 18.35
CA PRO C 123 31.01 -6.42 16.93
C PRO C 123 30.40 -7.79 16.71
N SER C 124 29.62 -7.92 15.64
CA SER C 124 29.02 -9.19 15.30
C SER C 124 30.08 -10.15 14.76
N SER C 125 29.71 -11.42 14.69
CA SER C 125 30.64 -12.41 14.13
C SER C 125 30.88 -12.17 12.65
N GLU C 126 29.89 -11.65 11.93
CA GLU C 126 30.04 -11.42 10.50
C GLU C 126 31.01 -10.28 10.23
N GLU C 127 30.95 -9.21 11.01
CA GLU C 127 31.85 -8.09 10.80
C GLU C 127 33.29 -8.48 11.13
N LEU C 128 33.48 -9.29 12.18
CA LEU C 128 34.82 -9.76 12.52
C LEU C 128 35.35 -10.72 11.46
N GLN C 129 34.47 -11.43 10.76
CA GLN C 129 34.90 -12.29 9.66
C GLN C 129 35.38 -11.49 8.45
N ALA C 130 35.23 -10.17 8.46
CA ALA C 130 35.67 -9.31 7.38
C ALA C 130 36.79 -8.38 7.79
N ASN C 131 37.53 -8.73 8.84
CA ASN C 131 38.66 -7.93 9.33
C ASN C 131 38.23 -6.52 9.74
N LYS C 132 37.01 -6.38 10.23
CA LYS C 132 36.49 -5.10 10.69
C LYS C 132 35.90 -5.25 12.08
N ALA C 133 35.93 -4.16 12.84
CA ALA C 133 35.36 -4.16 14.19
C ALA C 133 34.75 -2.79 14.46
N THR C 134 33.54 -2.78 15.02
CA THR C 134 32.86 -1.54 15.35
C THR C 134 31.98 -1.76 16.56
N LEU C 135 32.16 -0.92 17.58
CA LEU C 135 31.27 -0.88 18.73
C LEU C 135 30.12 0.07 18.45
N VAL C 136 28.89 -0.39 18.69
CA VAL C 136 27.69 0.39 18.44
C VAL C 136 27.09 0.77 19.80
N CYS C 137 27.18 2.04 20.15
CA CYS C 137 26.63 2.58 21.39
C CYS C 137 25.48 3.52 21.05
N LEU C 138 24.27 3.17 21.49
CA LEU C 138 23.06 3.87 21.12
C LEU C 138 22.46 4.53 22.35
N ILE C 139 22.20 5.84 22.25
CA ILE C 139 21.71 6.66 23.36
C ILE C 139 20.36 7.24 22.96
N SER C 140 19.39 7.18 23.87
CA SER C 140 18.05 7.63 23.53
C SER C 140 17.29 8.03 24.80
N ASP C 141 16.21 8.79 24.58
CA ASP C 141 15.26 9.16 25.62
C ASP C 141 15.89 10.02 26.71
N PHE C 142 16.77 10.94 26.33
CA PHE C 142 17.36 11.89 27.26
C PHE C 142 16.92 13.31 26.91
N TYR C 143 16.68 14.11 27.94
CA TYR C 143 16.26 15.50 27.79
C TYR C 143 16.92 16.28 28.93
N PRO C 144 17.51 17.45 28.65
CA PRO C 144 17.64 18.09 27.32
C PRO C 144 18.63 17.38 26.40
N GLY C 145 18.65 17.80 25.13
CA GLY C 145 19.50 17.17 24.14
C GLY C 145 20.95 17.61 24.19
N ALA C 146 21.64 17.28 25.28
CA ALA C 146 23.06 17.63 25.45
C ALA C 146 23.74 16.46 26.14
N VAL C 147 24.54 15.71 25.39
CA VAL C 147 25.18 14.50 25.89
C VAL C 147 26.61 14.44 25.36
N THR C 148 27.57 14.20 26.24
CA THR C 148 28.95 13.95 25.87
C THR C 148 29.27 12.49 26.12
N VAL C 149 29.94 11.86 25.15
CA VAL C 149 30.25 10.44 25.18
C VAL C 149 31.76 10.29 25.27
N ALA C 150 32.21 9.41 26.17
CA ALA C 150 33.62 9.10 26.34
C ALA C 150 33.81 7.59 26.26
N TRP C 151 34.69 7.14 25.37
CA TRP C 151 34.98 5.73 25.23
C TRP C 151 36.16 5.33 26.10
N LYS C 152 36.19 4.06 26.48
CA LYS C 152 37.23 3.54 27.36
C LYS C 152 37.66 2.15 26.92
N ALA C 153 38.97 1.93 26.87
CA ALA C 153 39.55 0.61 26.71
C ALA C 153 40.05 0.16 28.08
N ASP C 154 39.47 -0.93 28.60
CA ASP C 154 39.66 -1.32 29.99
C ASP C 154 39.26 -0.15 30.89
N SER C 155 40.25 0.63 31.34
CA SER C 155 40.00 1.80 32.16
C SER C 155 40.63 3.07 31.59
N SER C 156 41.19 3.01 30.38
CA SER C 156 41.87 4.17 29.83
C SER C 156 40.97 4.92 28.85
N PRO C 157 41.05 6.25 28.84
CA PRO C 157 40.23 7.03 27.90
C PRO C 157 40.64 6.76 26.45
N VAL C 158 39.65 6.69 25.58
CA VAL C 158 39.86 6.44 24.16
C VAL C 158 39.19 7.55 23.37
N LYS C 159 39.99 8.45 22.79
CA LYS C 159 39.49 9.48 21.90
C LYS C 159 39.90 9.21 20.45
N ALA C 160 40.16 7.96 20.12
CA ALA C 160 40.69 7.58 18.81
C ALA C 160 39.62 6.85 18.00
N GLY C 161 39.37 7.33 16.79
CA GLY C 161 38.36 6.72 15.94
C GLY C 161 36.96 6.84 16.50
N VAL C 162 36.65 7.95 17.18
CA VAL C 162 35.35 8.17 17.78
C VAL C 162 34.58 9.15 16.90
N GLU C 163 33.49 8.66 16.30
CA GLU C 163 32.60 9.50 15.52
C GLU C 163 31.20 9.38 16.11
N THR C 164 30.66 10.50 16.59
CA THR C 164 29.41 10.54 17.32
C THR C 164 28.47 11.53 16.67
N THR C 165 27.21 11.13 16.47
CA THR C 165 26.21 12.01 15.91
C THR C 165 25.91 13.16 16.87
N THR C 166 25.16 14.09 16.38
CA THR C 166 24.57 15.16 17.15
C THR C 166 23.25 14.69 17.75
N PRO C 167 22.85 15.26 18.90
CA PRO C 167 21.56 14.87 19.49
C PRO C 167 20.42 15.24 18.56
N SER C 168 19.69 14.23 18.12
CA SER C 168 18.53 14.42 17.26
C SER C 168 17.26 14.25 18.08
N LYS C 169 16.27 15.11 17.82
CA LYS C 169 15.04 15.09 18.58
C LYS C 169 14.13 13.96 18.11
N GLN C 170 13.59 13.21 19.06
CA GLN C 170 12.68 12.12 18.75
C GLN C 170 11.26 12.64 18.64
N SER C 171 10.34 11.73 18.28
CA SER C 171 8.93 12.11 18.18
C SER C 171 8.31 12.34 19.54
N ASN C 172 8.82 11.67 20.58
CA ASN C 172 8.34 11.87 21.95
C ASN C 172 9.06 13.01 22.67
N ASN C 173 9.62 13.95 21.91
CA ASN C 173 10.21 15.19 22.44
C ASN C 173 11.55 14.99 23.15
N MLY C 174 11.92 13.74 23.41
CA MLY C 174 13.23 13.47 24.02
CB MLY C 174 13.16 12.22 24.89
CG MLY C 174 12.15 12.34 26.04
CD MLY C 174 11.95 11.04 26.78
CE MLY C 174 10.80 11.17 27.79
NZ MLY C 174 10.56 9.91 28.57
CH1 MLY C 174 10.37 8.81 27.61
CH2 MLY C 174 11.79 9.62 29.31
C MLY C 174 14.27 13.31 22.91
O MLY C 174 13.92 13.34 21.73
N TYR C 175 15.53 13.15 23.28
CA TYR C 175 16.61 13.14 22.28
C TYR C 175 17.33 11.79 22.15
N ALA C 176 18.08 11.64 21.07
CA ALA C 176 18.78 10.41 20.75
C ALA C 176 20.13 10.74 20.12
N ALA C 177 21.04 9.78 20.19
CA ALA C 177 22.37 9.92 19.60
C ALA C 177 23.00 8.55 19.42
N SER C 178 24.05 8.51 18.61
CA SER C 178 24.80 7.30 18.34
C SER C 178 26.29 7.60 18.40
N SER C 179 27.06 6.65 18.92
CA SER C 179 28.51 6.77 18.97
C SER C 179 29.13 5.48 18.47
N TYR C 180 30.03 5.59 17.50
CA TYR C 180 30.69 4.44 16.92
C TYR C 180 32.19 4.51 17.19
N LEU C 181 32.77 3.36 17.54
CA LEU C 181 34.20 3.23 17.80
C LEU C 181 34.77 2.24 16.78
N SER C 182 35.54 2.75 15.83
CA SER C 182 36.17 1.89 14.83
C SER C 182 37.45 1.30 15.41
N LEU C 183 37.56 -0.02 15.38
CA LEU C 183 38.74 -0.73 15.86
C LEU C 183 39.08 -1.84 14.88
N THR C 184 40.27 -2.39 15.05
CA THR C 184 40.67 -3.59 14.33
C THR C 184 40.40 -4.82 15.18
N PRO C 185 40.21 -5.99 14.55
CA PRO C 185 39.98 -7.22 15.34
C PRO C 185 41.10 -7.53 16.31
N GLU C 186 42.33 -7.07 16.04
CA GLU C 186 43.44 -7.34 16.95
C GLU C 186 43.29 -6.55 18.24
N GLN C 187 43.09 -5.23 18.13
CA GLN C 187 42.98 -4.40 19.33
C GLN C 187 41.65 -4.61 20.05
N TRP C 188 40.66 -5.19 19.38
CA TRP C 188 39.40 -5.52 20.06
C TRP C 188 39.55 -6.79 20.89
N LYS C 189 40.21 -7.80 20.33
CA LYS C 189 40.49 -9.02 21.08
C LYS C 189 41.67 -8.87 22.04
N SER C 190 42.25 -7.68 22.15
CA SER C 190 43.39 -7.45 23.03
C SER C 190 42.95 -7.01 24.42
N HIS C 191 42.23 -5.89 24.50
CA HIS C 191 41.78 -5.36 25.78
C HIS C 191 40.76 -6.30 26.41
N ARG C 192 40.66 -6.24 27.74
CA ARG C 192 39.74 -7.12 28.46
C ARG C 192 38.28 -6.75 28.16
N SER C 193 38.00 -5.46 28.03
CA SER C 193 36.64 -5.00 27.75
C SER C 193 36.68 -3.56 27.27
N TYR C 194 35.60 -3.15 26.63
CA TYR C 194 35.39 -1.77 26.20
C TYR C 194 34.09 -1.25 26.81
N SER C 195 34.07 0.04 27.14
CA SER C 195 32.92 0.65 27.80
C SER C 195 32.50 1.92 27.08
N CYS C 196 31.19 2.18 27.08
CA CYS C 196 30.61 3.41 26.54
C CYS C 196 30.12 4.23 27.73
N GLN C 197 30.76 5.37 27.97
CA GLN C 197 30.44 6.23 29.11
C GLN C 197 29.67 7.44 28.59
N VAL C 198 28.38 7.50 28.92
CA VAL C 198 27.49 8.57 28.51
C VAL C 198 27.16 9.42 29.73
N THR C 199 27.51 10.69 29.69
CA THR C 199 27.23 11.63 30.78
C THR C 199 26.22 12.66 30.30
N HIS C 200 25.16 12.85 31.09
CA HIS C 200 24.08 13.76 30.75
C HIS C 200 23.76 14.61 31.97
N GLU C 201 24.31 15.82 32.01
CA GLU C 201 24.03 16.80 33.06
C GLU C 201 24.38 16.25 34.44
N GLY C 202 25.65 15.89 34.59
CA GLY C 202 26.17 15.39 35.85
C GLY C 202 26.22 13.89 36.04
N SER C 203 25.07 13.23 35.85
CA SER C 203 25.01 11.79 36.01
C SER C 203 25.59 11.08 34.81
N THR C 204 26.18 9.91 35.05
CA THR C 204 26.83 9.11 34.02
C THR C 204 26.20 7.73 33.97
N VAL C 205 26.05 7.21 32.74
CA VAL C 205 25.51 5.88 32.49
C VAL C 205 26.50 5.13 31.62
N GLU C 206 26.95 3.98 32.07
CA GLU C 206 27.98 3.23 31.36
C GLU C 206 27.52 1.82 31.00
N MLY C 207 27.96 1.34 29.86
CA MLY C 207 27.70 -0.03 29.42
CB MLY C 207 26.67 -0.05 28.28
CG MLY C 207 25.29 0.40 28.70
CD MLY C 207 24.71 -0.50 29.78
CE MLY C 207 23.28 -0.14 30.13
NZ MLY C 207 22.73 -1.06 31.17
CH1 MLY C 207 23.22 -0.59 32.47
CH2 MLY C 207 21.27 -0.89 31.17
C MLY C 207 29.01 -0.67 28.96
O MLY C 207 29.88 0.00 28.41
N THR C 208 29.15 -1.97 29.18
CA THR C 208 30.39 -2.67 28.86
C THR C 208 30.12 -3.95 28.08
N VAL C 209 30.97 -4.22 27.08
CA VAL C 209 30.93 -5.46 26.32
C VAL C 209 32.34 -6.05 26.29
N ALA C 210 32.40 -7.37 26.16
CA ALA C 210 33.65 -8.12 26.14
C ALA C 210 33.61 -9.18 25.06
N PRO C 211 34.77 -9.54 24.49
CA PRO C 211 34.80 -10.57 23.44
C PRO C 211 34.53 -11.95 24.00
N THR C 212 33.51 -12.62 23.45
CA THR C 212 33.19 -13.99 23.82
C THR C 212 32.37 -14.62 22.70
N GLU C 213 32.16 -15.94 22.82
CA GLU C 213 31.41 -16.70 21.82
C GLU C 213 29.97 -16.92 22.31
N VAL D 2 -4.77 14.71 3.56
CA VAL D 2 -3.97 15.81 3.02
C VAL D 2 -2.48 15.48 3.17
N GLN D 3 -1.81 15.23 2.05
CA GLN D 3 -0.40 14.90 2.08
C GLN D 3 0.21 15.10 0.69
N LEU D 4 1.49 15.45 0.68
CA LEU D 4 2.27 15.59 -0.54
C LEU D 4 3.39 14.57 -0.54
N VAL D 5 3.47 13.77 -1.60
CA VAL D 5 4.46 12.70 -1.71
C VAL D 5 5.39 13.03 -2.87
N GLU D 6 6.69 13.02 -2.60
CA GLU D 6 7.71 13.37 -3.56
C GLU D 6 8.51 12.14 -3.99
N SER D 7 9.28 12.31 -5.06
CA SER D 7 10.08 11.25 -5.64
C SER D 7 10.95 11.87 -6.74
N GLY D 8 11.86 11.07 -7.28
CA GLY D 8 12.69 11.48 -8.38
C GLY D 8 14.10 11.93 -8.00
N GLY D 9 14.37 12.11 -6.71
CA GLY D 9 15.70 12.50 -6.29
C GLY D 9 16.66 11.33 -6.27
N GLY D 10 17.94 11.65 -6.46
CA GLY D 10 18.95 10.62 -6.45
C GLY D 10 20.33 11.20 -6.65
N LEU D 11 21.29 10.31 -6.82
CA LEU D 11 22.68 10.69 -7.05
C LEU D 11 22.93 10.85 -8.55
N VAL D 12 23.47 12.00 -8.94
CA VAL D 12 23.84 12.27 -10.33
C VAL D 12 25.18 12.99 -10.34
N GLN D 13 25.87 12.88 -11.47
CA GLN D 13 27.15 13.55 -11.64
C GLN D 13 26.92 15.01 -12.01
N PRO D 14 27.91 15.88 -11.76
CA PRO D 14 27.82 17.27 -12.21
C PRO D 14 27.47 17.36 -13.68
N GLY D 15 26.47 18.20 -13.98
CA GLY D 15 25.97 18.34 -15.33
C GLY D 15 24.81 17.45 -15.68
N GLY D 16 24.45 16.50 -14.82
CA GLY D 16 23.39 15.57 -15.09
C GLY D 16 22.02 16.23 -14.99
N SER D 17 20.99 15.39 -15.14
CA SER D 17 19.61 15.87 -15.17
C SER D 17 18.74 14.97 -14.29
N LEU D 18 17.87 15.61 -13.52
CA LEU D 18 16.89 14.93 -12.68
C LEU D 18 15.52 15.54 -12.89
N ARG D 19 14.48 14.73 -12.70
CA ARG D 19 13.10 15.19 -12.78
C ARG D 19 12.38 14.82 -11.49
N LEU D 20 12.08 15.81 -10.68
CA LEU D 20 11.40 15.60 -9.41
C LEU D 20 9.89 15.56 -9.62
N SER D 21 9.23 14.67 -8.88
CA SER D 21 7.79 14.51 -8.94
C SER D 21 7.21 14.72 -7.54
N CYS D 22 6.07 15.42 -7.48
CA CYS D 22 5.37 15.66 -6.23
C CYS D 22 3.91 15.24 -6.44
N ALA D 23 3.52 14.12 -5.85
CA ALA D 23 2.16 13.61 -5.97
C ALA D 23 1.30 14.19 -4.86
N ALA D 24 0.25 14.90 -5.24
CA ALA D 24 -0.64 15.52 -4.27
C ALA D 24 -1.83 14.60 -3.96
N SER D 25 -2.37 14.74 -2.75
CA SER D 25 -3.47 13.89 -2.32
C SER D 25 -4.21 14.56 -1.17
N GLY D 26 -5.53 14.64 -1.28
CA GLY D 26 -6.37 15.09 -0.19
C GLY D 26 -6.88 16.51 -0.27
N PHE D 27 -6.77 17.17 -1.41
CA PHE D 27 -7.24 18.55 -1.56
C PHE D 27 -7.32 18.89 -3.03
N ILE D 28 -8.02 19.99 -3.33
CA ILE D 28 -8.18 20.45 -4.71
C ILE D 28 -6.85 21.03 -5.19
N PHE D 29 -6.08 20.21 -5.90
CA PHE D 29 -4.74 20.60 -6.33
C PHE D 29 -4.79 21.76 -7.33
N SER D 30 -5.82 21.81 -8.17
CA SER D 30 -5.90 22.78 -9.26
C SER D 30 -6.30 24.18 -8.79
N SER D 31 -6.20 24.48 -7.50
CA SER D 31 -6.62 25.78 -7.01
C SER D 31 -5.58 26.48 -6.16
N ASP D 32 -4.44 25.84 -5.88
CA ASP D 32 -3.43 26.39 -4.99
C ASP D 32 -2.11 26.57 -5.71
N TRP D 33 -1.41 27.66 -5.39
CA TRP D 33 -0.04 27.81 -5.84
C TRP D 33 0.82 26.69 -5.25
N MET D 34 1.89 26.35 -5.96
CA MET D 34 2.80 25.31 -5.55
C MET D 34 4.22 25.81 -5.65
N ASN D 35 5.03 25.49 -4.64
CA ASN D 35 6.40 25.96 -4.53
C ASN D 35 7.36 24.79 -4.47
N TRP D 36 8.60 25.05 -4.86
CA TRP D 36 9.71 24.15 -4.60
C TRP D 36 10.71 24.89 -3.71
N VAL D 37 11.02 24.29 -2.56
CA VAL D 37 11.97 24.85 -1.62
C VAL D 37 13.03 23.77 -1.33
N ARG D 38 14.28 24.20 -1.20
CA ARG D 38 15.38 23.29 -0.95
C ARG D 38 16.15 23.74 0.28
N GLN D 39 16.95 22.82 0.82
CA GLN D 39 17.76 23.09 2.01
C GLN D 39 19.05 22.27 1.90
N ALA D 40 20.16 22.98 1.75
CA ALA D 40 21.46 22.30 1.79
C ALA D 40 21.76 21.86 3.22
N PRO D 41 22.59 20.82 3.39
CA PRO D 41 22.93 20.37 4.75
C PRO D 41 23.64 21.47 5.52
N GLY D 42 23.13 21.75 6.73
CA GLY D 42 23.70 22.78 7.57
C GLY D 42 23.44 24.20 7.12
N LYS D 43 22.53 24.42 6.19
CA LYS D 43 22.22 25.75 5.68
C LYS D 43 20.73 26.02 5.83
N GLY D 44 20.31 27.23 5.43
CA GLY D 44 18.93 27.64 5.60
C GLY D 44 18.05 27.32 4.40
N LEU D 45 16.75 27.52 4.58
CA LEU D 45 15.80 27.31 3.50
C LEU D 45 16.03 28.29 2.36
N GLU D 46 15.96 27.78 1.13
CA GLU D 46 16.10 28.60 -0.07
C GLU D 46 14.96 28.26 -1.02
N TRP D 47 14.10 29.25 -1.27
CA TRP D 47 13.02 29.10 -2.24
C TRP D 47 13.60 28.97 -3.64
N VAL D 48 13.07 28.00 -4.41
CA VAL D 48 13.60 27.72 -5.73
C VAL D 48 12.67 28.27 -6.80
N ALA D 49 11.43 27.78 -6.82
CA ALA D 49 10.49 28.17 -7.86
C ALA D 49 9.07 27.98 -7.38
N ASN D 50 8.14 28.60 -8.10
CA ASN D 50 6.72 28.40 -7.83
C ASN D 50 5.94 28.55 -9.13
N ILE D 51 4.67 28.16 -9.08
CA ILE D 51 3.82 28.14 -10.27
C ILE D 51 2.37 28.34 -9.83
N ASN D 52 1.64 29.13 -10.61
CA ASN D 52 0.26 29.44 -10.30
C ASN D 52 -0.64 28.26 -10.68
N GLN D 53 -1.96 28.50 -10.66
CA GLN D 53 -2.91 27.40 -10.82
C GLN D 53 -2.87 26.81 -12.22
N ASP D 54 -2.74 27.66 -13.25
CA ASP D 54 -2.81 27.20 -14.62
C ASP D 54 -1.47 27.16 -15.34
N GLY D 55 -0.41 27.71 -14.75
CA GLY D 55 0.88 27.78 -15.41
C GLY D 55 1.15 29.10 -16.11
N SER D 56 0.24 30.07 -16.00
CA SER D 56 0.46 31.37 -16.62
C SER D 56 1.59 32.15 -15.97
N GLU D 57 1.97 31.80 -14.74
CA GLU D 57 3.06 32.49 -14.05
C GLU D 57 4.05 31.47 -13.50
N MLY D 58 5.32 31.67 -13.84
CA MLY D 58 6.40 30.85 -13.29
CB MLY D 58 6.90 29.83 -14.31
CG MLY D 58 5.86 28.81 -14.75
CD MLY D 58 6.43 27.87 -15.80
CE MLY D 58 5.34 26.99 -16.41
NZ MLY D 58 5.90 25.96 -17.33
CH1 MLY D 58 4.75 25.29 -17.94
CH2 MLY D 58 6.58 26.67 -18.43
C MLY D 58 7.55 31.75 -12.83
O MLY D 58 7.99 32.62 -13.58
N TYR D 59 8.01 31.54 -11.61
CA TYR D 59 9.09 32.34 -11.06
C TYR D 59 10.20 31.46 -10.52
N TYR D 60 11.44 31.92 -10.65
CA TYR D 60 12.61 31.14 -10.26
C TYR D 60 13.58 32.05 -9.52
N VAL D 61 14.43 31.42 -8.70
CA VAL D 61 15.54 32.13 -8.07
C VAL D 61 16.65 32.31 -9.11
N ASP D 62 17.48 33.35 -8.91
CA ASP D 62 18.43 33.75 -9.93
C ASP D 62 19.42 32.64 -10.26
N SER D 63 19.86 31.90 -9.25
CA SER D 63 20.85 30.85 -9.45
C SER D 63 20.29 29.62 -10.15
N VAL D 64 19.03 29.65 -10.58
CA VAL D 64 18.36 28.47 -11.11
C VAL D 64 17.89 28.74 -12.53
N LYS D 65 17.62 30.01 -12.84
CA LYS D 65 17.11 30.40 -14.15
C LYS D 65 17.98 29.84 -15.27
N GLY D 66 17.32 29.33 -16.31
CA GLY D 66 18.02 28.73 -17.42
C GLY D 66 18.48 27.31 -17.23
N ARG D 67 18.27 26.74 -16.05
CA ARG D 67 18.66 25.36 -15.76
C ARG D 67 17.49 24.51 -15.28
N PHE D 68 16.66 25.02 -14.38
CA PHE D 68 15.50 24.29 -13.90
C PHE D 68 14.22 24.83 -14.56
N THR D 69 13.21 23.97 -14.60
CA THR D 69 11.92 24.33 -15.19
C THR D 69 10.81 23.70 -14.35
N ILE D 70 9.89 24.52 -13.85
CA ILE D 70 8.79 24.05 -13.02
C ILE D 70 7.55 23.90 -13.88
N SER D 71 6.75 22.89 -13.56
CA SER D 71 5.52 22.60 -14.30
C SER D 71 4.60 21.78 -13.41
N ARG D 72 3.35 21.66 -13.84
CA ARG D 72 2.36 20.91 -13.08
C ARG D 72 1.38 20.26 -14.06
N ASP D 73 0.67 19.25 -13.56
CA ASP D 73 -0.36 18.56 -14.33
C ASP D 73 -1.56 18.38 -13.41
N ASN D 74 -2.54 19.28 -13.51
CA ASN D 74 -3.68 19.25 -12.60
C ASN D 74 -4.51 17.99 -12.80
N ALA D 75 -4.52 17.43 -14.01
CA ALA D 75 -5.25 16.19 -14.24
C ALA D 75 -4.65 15.03 -13.45
N GLN D 76 -3.34 15.03 -13.25
CA GLN D 76 -2.64 13.98 -12.52
C GLN D 76 -2.37 14.34 -11.06
N ASN D 77 -2.72 15.56 -10.63
CA ASN D 77 -2.44 16.03 -9.27
C ASN D 77 -0.95 15.93 -8.94
N SER D 78 -0.12 16.41 -9.86
CA SER D 78 1.32 16.25 -9.74
C SER D 78 2.02 17.57 -10.05
N LEU D 79 3.07 17.86 -9.28
CA LEU D 79 3.97 18.98 -9.51
C LEU D 79 5.33 18.44 -9.90
N TYR D 80 6.01 19.13 -10.82
CA TYR D 80 7.28 18.66 -11.33
C TYR D 80 8.33 19.75 -11.22
N LEU D 81 9.60 19.33 -11.31
CA LEU D 81 10.74 20.25 -11.31
C LEU D 81 11.86 19.59 -12.12
N GLN D 82 11.88 19.89 -13.42
CA GLN D 82 12.95 19.42 -14.28
C GLN D 82 14.24 20.16 -13.92
N MET D 83 15.29 19.41 -13.61
CA MET D 83 16.56 19.98 -13.19
C MET D 83 17.64 19.56 -14.18
N ASN D 84 18.20 20.53 -14.91
CA ASN D 84 19.25 20.27 -15.87
C ASN D 84 20.49 21.09 -15.51
N SER D 85 21.64 20.65 -16.00
CA SER D 85 22.93 21.29 -15.76
C SER D 85 23.17 21.48 -14.26
N LEU D 86 23.09 20.37 -13.53
CA LEU D 86 23.20 20.41 -12.08
C LEU D 86 24.63 20.68 -11.65
N ARG D 87 24.76 21.42 -10.54
CA ARG D 87 26.05 21.74 -9.96
C ARG D 87 26.13 21.16 -8.55
N ALA D 88 27.34 21.21 -7.98
CA ALA D 88 27.52 20.72 -6.62
C ALA D 88 26.71 21.54 -5.62
N GLU D 89 26.57 22.85 -5.86
CA GLU D 89 25.80 23.72 -4.98
C GLU D 89 24.32 23.41 -4.97
N ASP D 90 23.83 22.60 -5.91
CA ASP D 90 22.42 22.23 -5.96
C ASP D 90 22.10 21.02 -5.07
N THR D 91 23.11 20.42 -4.44
CA THR D 91 22.84 19.32 -3.51
C THR D 91 22.05 19.84 -2.32
N ALA D 92 20.85 19.29 -2.13
CA ALA D 92 19.95 19.70 -1.07
C ALA D 92 18.79 18.72 -1.01
N VAL D 93 17.97 18.86 0.03
CA VAL D 93 16.68 18.21 0.11
C VAL D 93 15.64 19.15 -0.47
N TYR D 94 14.91 18.70 -1.48
CA TYR D 94 13.91 19.53 -2.15
C TYR D 94 12.51 19.15 -1.67
N TYR D 95 11.71 20.17 -1.36
CA TYR D 95 10.34 19.98 -0.88
C TYR D 95 9.37 20.68 -1.83
N CYS D 96 8.19 20.09 -1.99
CA CYS D 96 7.06 20.79 -2.60
C CYS D 96 6.14 21.29 -1.50
N ALA D 97 5.57 22.47 -1.70
CA ALA D 97 4.78 23.11 -0.66
C ALA D 97 3.85 24.17 -1.22
N MLY D 98 2.63 24.19 -0.71
CA MLY D 98 1.75 25.34 -0.88
CB MLY D 98 0.30 24.92 -1.15
CG MLY D 98 -0.28 23.91 -0.18
CD MLY D 98 -1.61 23.39 -0.69
CE MLY D 98 -2.28 22.44 0.29
NZ MLY D 98 -2.91 23.16 1.42
CH1 MLY D 98 -3.90 24.09 0.86
CH2 MLY D 98 -3.67 22.17 2.20
C MLY D 98 1.86 26.19 0.38
O MLY D 98 2.62 25.85 1.30
N GLU D 99 1.12 27.29 0.44
CA GLU D 99 1.31 28.24 1.54
C GLU D 99 0.68 27.76 2.85
N LEU D 100 -0.25 26.81 2.76
CA LEU D 100 -0.94 26.28 3.93
C LEU D 100 -0.75 24.77 4.00
N GLY D 101 -0.68 24.25 5.23
CA GLY D 101 -0.66 22.83 5.44
C GLY D 101 0.73 22.22 5.36
N PRO D 102 0.81 20.89 5.53
CA PRO D 102 2.11 20.23 5.57
C PRO D 102 2.82 20.22 4.22
N TRP D 103 4.14 20.35 4.28
CA TRP D 103 4.99 20.23 3.10
C TRP D 103 5.14 18.75 2.73
N GLY D 104 5.72 18.51 1.54
CA GLY D 104 6.16 17.18 1.21
C GLY D 104 7.25 16.70 2.15
N GLN D 105 7.46 15.38 2.18
CA GLN D 105 8.47 14.81 3.06
C GLN D 105 9.89 15.15 2.62
N GLY D 106 10.07 15.65 1.40
CA GLY D 106 11.39 15.98 0.91
C GLY D 106 12.13 14.83 0.25
N THR D 107 12.63 15.05 -0.96
CA THR D 107 13.50 14.10 -1.64
C THR D 107 14.90 14.68 -1.74
N LEU D 108 15.89 13.80 -1.62
CA LEU D 108 17.29 14.20 -1.58
C LEU D 108 17.88 14.19 -2.98
N VAL D 109 18.58 15.26 -3.32
CA VAL D 109 19.27 15.40 -4.60
C VAL D 109 20.75 15.56 -4.32
N THR D 110 21.55 14.63 -4.83
CA THR D 110 22.98 14.60 -4.57
C THR D 110 23.71 14.73 -5.90
N VAL D 111 24.41 15.85 -6.09
CA VAL D 111 25.22 16.10 -7.27
C VAL D 111 26.67 15.98 -6.86
N SER D 112 27.33 14.91 -7.30
CA SER D 112 28.70 14.64 -6.90
C SER D 112 29.35 13.71 -7.92
N SER D 113 30.67 13.80 -8.00
CA SER D 113 31.46 12.90 -8.85
C SER D 113 31.94 11.66 -8.10
N ALA D 114 31.10 11.11 -7.23
CA ALA D 114 31.42 9.92 -6.46
C ALA D 114 30.38 8.84 -6.70
N SER D 115 30.82 7.59 -6.71
CA SER D 115 29.95 6.47 -6.99
C SER D 115 29.14 6.09 -5.76
N THR D 116 28.02 5.40 -6.00
CA THR D 116 27.20 4.89 -4.93
C THR D 116 27.78 3.59 -4.39
N LYS D 117 27.69 3.42 -3.08
CA LYS D 117 28.16 2.20 -2.42
C LYS D 117 27.03 1.63 -1.59
N GLY D 118 26.64 0.39 -1.89
CA GLY D 118 25.66 -0.30 -1.10
C GLY D 118 26.16 -0.57 0.29
N PRO D 119 25.25 -0.66 1.26
CA PRO D 119 25.66 -0.84 2.65
C PRO D 119 26.06 -2.27 2.96
N SER D 120 26.89 -2.40 3.99
CA SER D 120 27.22 -3.69 4.58
C SER D 120 26.38 -3.84 5.84
N VAL D 121 25.51 -4.84 5.87
CA VAL D 121 24.55 -5.02 6.96
C VAL D 121 25.05 -6.13 7.87
N PHE D 122 25.09 -5.85 9.18
CA PHE D 122 25.55 -6.77 10.21
C PHE D 122 24.51 -6.89 11.30
N PRO D 123 24.27 -8.09 11.83
CA PRO D 123 23.24 -8.26 12.85
C PRO D 123 23.73 -8.02 14.27
N LEU D 124 23.06 -7.13 14.99
CA LEU D 124 23.34 -6.88 16.40
C LEU D 124 22.47 -7.83 17.21
N ALA D 125 23.08 -8.89 17.72
CA ALA D 125 22.31 -10.00 18.29
C ALA D 125 21.90 -9.69 19.73
N PRO D 126 20.68 -10.06 20.11
CA PRO D 126 20.25 -9.87 21.49
C PRO D 126 20.90 -10.89 22.42
N SER D 127 21.16 -10.44 23.66
CA SER D 127 21.79 -11.28 24.66
C SER D 127 20.96 -11.48 25.92
N SER D 128 19.81 -10.80 26.03
CA SER D 128 19.00 -10.93 27.24
C SER D 128 18.40 -12.32 27.33
N LYS D 129 18.53 -12.94 28.49
CA LYS D 129 17.99 -14.28 28.71
C LYS D 129 16.48 -14.26 28.52
N SER D 130 15.97 -15.28 27.82
CA SER D 130 14.55 -15.36 27.51
C SER D 130 13.77 -15.61 28.80
N THR D 131 13.10 -14.56 29.29
CA THR D 131 12.39 -14.62 30.56
C THR D 131 11.07 -13.90 30.42
N SER D 132 10.13 -14.23 31.30
CA SER D 132 8.81 -13.61 31.24
C SER D 132 8.87 -12.14 31.64
N GLY D 133 9.76 -11.77 32.54
CA GLY D 133 9.92 -10.41 32.99
C GLY D 133 11.07 -9.65 32.36
N GLY D 134 11.77 -10.22 31.39
CA GLY D 134 12.89 -9.58 30.76
C GLY D 134 12.52 -8.92 29.44
N THR D 135 13.46 -8.12 28.93
CA THR D 135 13.33 -7.41 27.67
C THR D 135 14.61 -7.59 26.87
N ALA D 136 14.47 -7.85 25.57
CA ALA D 136 15.60 -8.06 24.68
C ALA D 136 15.72 -6.91 23.69
N ALA D 137 16.95 -6.48 23.42
CA ALA D 137 17.24 -5.46 22.44
C ALA D 137 18.09 -6.07 21.33
N LEU D 138 17.61 -5.97 20.10
CA LEU D 138 18.27 -6.53 18.93
C LEU D 138 18.33 -5.46 17.84
N GLY D 139 19.39 -5.48 17.05
CA GLY D 139 19.68 -4.37 16.18
C GLY D 139 20.30 -4.80 14.85
N CYS D 140 20.49 -3.81 13.99
CA CYS D 140 21.05 -4.02 12.66
C CYS D 140 22.00 -2.87 12.36
N LEU D 141 23.26 -3.19 12.11
CA LEU D 141 24.26 -2.19 11.75
C LEU D 141 24.30 -2.05 10.23
N VAL D 142 23.95 -0.87 9.75
CA VAL D 142 24.00 -0.54 8.34
C VAL D 142 25.23 0.32 8.14
N LYS D 143 26.33 -0.31 7.74
CA LYS D 143 27.65 0.31 7.77
C LYS D 143 28.11 0.68 6.36
N ASP D 144 28.70 1.87 6.24
CA ASP D 144 29.42 2.28 5.04
C ASP D 144 28.54 2.24 3.79
N TYR D 145 27.74 3.29 3.59
CA TYR D 145 26.94 3.41 2.38
C TYR D 145 26.96 4.85 1.91
N PHE D 146 26.61 5.04 0.63
CA PHE D 146 26.53 6.36 0.04
C PHE D 146 25.67 6.33 -1.21
N PRO D 147 24.77 7.29 -1.41
CA PRO D 147 24.49 8.35 -0.44
C PRO D 147 23.29 8.03 0.44
N GLU D 148 22.80 9.04 1.15
CA GLU D 148 21.52 8.92 1.84
C GLU D 148 20.40 8.85 0.80
N PRO D 149 19.22 8.31 1.18
CA PRO D 149 18.86 7.76 2.49
C PRO D 149 18.88 6.24 2.55
N VAL D 150 18.62 5.72 3.74
CA VAL D 150 18.43 4.30 3.97
C VAL D 150 17.15 4.14 4.80
N THR D 151 16.27 3.24 4.37
CA THR D 151 15.05 2.94 5.09
C THR D 151 15.16 1.55 5.71
N VAL D 152 14.83 1.45 6.99
CA VAL D 152 14.88 0.20 7.73
C VAL D 152 13.50 -0.09 8.28
N SER D 153 13.07 -1.34 8.12
CA SER D 153 11.84 -1.83 8.74
C SER D 153 12.11 -3.21 9.32
N TRP D 154 11.23 -3.62 10.23
CA TRP D 154 11.34 -4.91 10.91
C TRP D 154 10.12 -5.76 10.59
N ASN D 155 10.36 -7.03 10.26
CA ASN D 155 9.29 -7.98 9.92
C ASN D 155 8.44 -7.44 8.77
N SER D 156 9.09 -6.77 7.82
CA SER D 156 8.42 -6.18 6.65
C SER D 156 7.35 -5.17 7.08
N GLY D 157 7.69 -4.34 8.06
CA GLY D 157 6.78 -3.32 8.54
C GLY D 157 5.73 -3.78 9.52
N ALA D 158 5.69 -5.07 9.85
CA ALA D 158 4.71 -5.57 10.81
C ALA D 158 5.04 -5.17 12.24
N LEU D 159 6.33 -5.12 12.58
CA LEU D 159 6.77 -4.78 13.93
C LEU D 159 7.21 -3.32 13.94
N THR D 160 6.40 -2.46 14.54
CA THR D 160 6.68 -1.03 14.63
C THR D 160 6.93 -0.57 16.06
N SER D 161 6.19 -1.10 17.03
CA SER D 161 6.33 -0.65 18.41
C SER D 161 7.71 -1.02 18.95
N GLY D 162 8.31 -0.09 19.69
CA GLY D 162 9.63 -0.31 20.22
C GLY D 162 10.77 -0.21 19.23
N VAL D 163 10.47 0.17 17.99
CA VAL D 163 11.49 0.31 16.96
C VAL D 163 12.07 1.72 17.04
N HIS D 164 13.40 1.81 16.91
CA HIS D 164 14.09 3.10 16.96
C HIS D 164 15.26 3.04 15.98
N THR D 165 15.07 3.62 14.80
CA THR D 165 16.13 3.76 13.82
C THR D 165 16.86 5.08 14.07
N PHE D 166 18.18 5.00 14.18
CA PHE D 166 18.97 6.17 14.55
C PHE D 166 19.48 6.90 13.31
N PRO D 167 19.66 8.22 13.39
CA PRO D 167 20.28 8.94 12.29
C PRO D 167 21.68 8.42 12.00
N ALA D 168 22.12 8.65 10.76
CA ALA D 168 23.41 8.16 10.30
C ALA D 168 24.54 9.06 10.79
N VAL D 169 25.76 8.51 10.77
CA VAL D 169 26.96 9.26 11.08
C VAL D 169 27.64 9.66 9.79
N LEU D 170 28.34 10.79 9.83
CA LEU D 170 29.14 11.25 8.70
C LEU D 170 30.59 10.91 8.99
N GLN D 171 31.06 9.81 8.42
CA GLN D 171 32.44 9.39 8.63
C GLN D 171 33.38 10.30 7.85
N SER D 172 34.65 10.31 8.27
CA SER D 172 35.65 11.11 7.58
C SER D 172 35.87 10.62 6.16
N SER D 173 35.66 9.33 5.92
CA SER D 173 35.77 8.76 4.57
C SER D 173 34.63 9.18 3.66
N GLY D 174 33.63 9.91 4.16
CA GLY D 174 32.51 10.33 3.37
C GLY D 174 31.35 9.36 3.35
N LEU D 175 31.50 8.18 3.94
CA LEU D 175 30.44 7.19 3.95
C LEU D 175 29.57 7.34 5.19
N TYR D 176 28.31 6.94 5.07
CA TYR D 176 27.36 7.00 6.16
C TYR D 176 27.15 5.62 6.78
N SER D 177 26.70 5.63 8.03
CA SER D 177 26.39 4.40 8.74
C SER D 177 25.35 4.72 9.80
N LEU D 178 24.36 3.84 9.94
CA LEU D 178 23.32 4.01 10.95
C LEU D 178 23.00 2.65 11.56
N SER D 179 22.15 2.66 12.57
CA SER D 179 21.70 1.44 13.22
C SER D 179 20.21 1.56 13.53
N SER D 180 19.57 0.41 13.72
CA SER D 180 18.16 0.33 14.09
C SER D 180 17.98 -0.77 15.10
N VAL D 181 17.34 -0.46 16.23
CA VAL D 181 17.15 -1.41 17.31
C VAL D 181 15.68 -1.44 17.69
N VAL D 182 15.18 -2.64 17.99
CA VAL D 182 13.82 -2.83 18.49
C VAL D 182 13.89 -3.61 19.80
N THR D 183 13.11 -3.18 20.78
CA THR D 183 13.01 -3.86 22.06
C THR D 183 11.77 -4.74 22.07
N VAL D 184 11.94 -5.99 22.50
CA VAL D 184 10.83 -6.95 22.55
C VAL D 184 10.92 -7.71 23.87
N PRO D 185 9.80 -8.26 24.33
CA PRO D 185 9.86 -9.15 25.51
C PRO D 185 10.73 -10.36 25.22
N SER D 186 11.58 -10.70 26.20
CA SER D 186 12.57 -11.75 25.99
C SER D 186 11.93 -13.12 25.79
N SER D 187 10.67 -13.31 26.19
CA SER D 187 9.99 -14.58 25.98
C SER D 187 9.73 -14.86 24.51
N SER D 188 9.78 -13.84 23.65
CA SER D 188 9.53 -14.04 22.22
C SER D 188 10.71 -14.66 21.50
N LEU D 189 11.92 -14.52 22.01
CA LEU D 189 13.07 -15.19 21.42
C LEU D 189 12.89 -16.70 21.48
N GLY D 190 13.39 -17.38 20.46
CA GLY D 190 13.20 -18.80 20.32
C GLY D 190 11.86 -19.21 19.74
N THR D 191 10.89 -18.29 19.67
CA THR D 191 9.60 -18.53 19.03
C THR D 191 9.56 -17.96 17.62
N GLN D 192 9.83 -16.67 17.48
CA GLN D 192 9.86 -16.01 16.19
C GLN D 192 11.26 -15.48 15.92
N THR D 193 11.64 -15.46 14.65
CA THR D 193 12.92 -14.93 14.20
C THR D 193 12.70 -13.56 13.59
N TYR D 194 13.39 -12.56 14.13
CA TYR D 194 13.25 -11.19 13.64
C TYR D 194 14.19 -10.94 12.47
N ILE D 195 13.75 -10.07 11.57
CA ILE D 195 14.52 -9.67 10.40
C ILE D 195 14.31 -8.18 10.17
N CYS D 196 15.41 -7.44 10.04
CA CYS D 196 15.35 -6.04 9.65
C CYS D 196 15.50 -5.94 8.14
N ASN D 197 14.77 -5.02 7.54
CA ASN D 197 14.73 -4.86 6.09
C ASN D 197 15.43 -3.56 5.74
N VAL D 198 16.64 -3.65 5.20
CA VAL D 198 17.45 -2.49 4.85
C VAL D 198 17.30 -2.24 3.37
N ASN D 199 16.68 -1.12 3.01
CA ASN D 199 16.47 -0.76 1.62
C ASN D 199 17.28 0.50 1.32
N HIS D 200 18.16 0.42 0.32
CA HIS D 200 18.99 1.54 -0.12
C HIS D 200 18.76 1.68 -1.62
N LYS D 201 17.86 2.60 -1.99
CA LYS D 201 17.48 2.75 -3.39
C LYS D 201 18.63 3.14 -4.32
N PRO D 202 19.56 4.04 -3.95
CA PRO D 202 20.63 4.40 -4.89
C PRO D 202 21.49 3.23 -5.35
N SER D 203 21.50 2.09 -4.65
CA SER D 203 22.27 0.93 -5.06
C SER D 203 21.40 -0.29 -5.34
N ASN D 204 20.08 -0.14 -5.33
CA ASN D 204 19.13 -1.25 -5.48
C ASN D 204 19.40 -2.35 -4.45
N THR D 205 19.91 -1.97 -3.28
CA THR D 205 20.21 -2.92 -2.22
C THR D 205 18.96 -3.18 -1.40
N LYS D 206 18.52 -4.44 -1.37
CA LYS D 206 17.36 -4.87 -0.59
C LYS D 206 17.75 -6.15 0.13
N VAL D 207 18.17 -6.02 1.38
CA VAL D 207 18.63 -7.16 2.17
C VAL D 207 17.65 -7.39 3.32
N ASP D 208 17.56 -8.66 3.73
CA ASP D 208 16.72 -9.08 4.86
C ASP D 208 17.62 -9.87 5.80
N LYS D 209 18.29 -9.16 6.71
CA LYS D 209 19.29 -9.76 7.57
C LYS D 209 18.62 -10.32 8.83
N ARG D 210 18.79 -11.62 9.05
CA ARG D 210 18.31 -12.23 10.28
C ARG D 210 19.11 -11.73 11.48
N VAL D 211 18.44 -11.64 12.62
CA VAL D 211 19.07 -11.27 13.89
C VAL D 211 18.74 -12.39 14.87
N GLU D 212 19.62 -13.37 14.96
CA GLU D 212 19.48 -14.51 15.86
C GLU D 212 20.22 -14.23 17.16
N PRO D 213 19.69 -14.70 18.29
CA PRO D 213 20.43 -14.61 19.56
C PRO D 213 21.73 -15.41 19.47
N LYS D 214 22.82 -14.79 19.92
CA LYS D 214 24.11 -15.47 19.97
C LYS D 214 24.42 -16.00 21.36
CL CL E . -26.26 -25.87 -8.44
CL CL F . 10.62 -26.72 -2.55
C FMT G . -44.09 1.01 -10.71
O1 FMT G . -43.71 2.00 -11.31
O2 FMT G . -44.31 0.97 -9.50
C FMT H . -29.35 -20.07 -21.65
O1 FMT H . -28.91 -18.94 -21.81
O2 FMT H . -29.43 -20.65 -20.57
C FMT I . -45.39 -21.55 -19.51
O1 FMT I . -44.81 -20.48 -19.69
O2 FMT I . -45.17 -22.58 -20.14
C ACT J . -30.05 -2.75 -18.16
O ACT J . -29.52 -3.13 -19.23
OXT ACT J . -31.28 -2.54 -17.91
CH3 ACT J . -29.10 -2.45 -16.97
CL CL K . 12.90 41.17 13.89
C FMT L . 6.31 29.20 0.34
O1 FMT L . 5.19 29.67 0.57
O2 FMT L . 6.58 28.00 0.44
#